data_8DZ5
#
_entry.id   8DZ5
#
_cell.length_a   1.00
_cell.length_b   1.00
_cell.length_c   1.00
_cell.angle_alpha   90.00
_cell.angle_beta   90.00
_cell.angle_gamma   90.00
#
_symmetry.space_group_name_H-M   'P 1'
#
loop_
_entity.id
_entity.type
_entity.pdbx_description
1 polymer 'Circumsporozoite protein'
2 polymer '364 Fab heavy chain'
3 polymer '364 Fab light chain'
#
loop_
_entity_poly.entity_id
_entity_poly.type
_entity_poly.pdbx_seq_one_letter_code
_entity_poly.pdbx_strand_id
1 'polypeptide(L)'
;YGSSSNTRVLNELNYDNAGTNLYNELEMNYYGKQENWYSLKKNSRSLGENDDGNNEDNEKLRKPKHKKLKQPADGNPDPN
ANPNVDPNANPNVDPNANPNVDPNANPNANPNANPNANPNANPNANPNANPNANPNANPNANPNANPNANPNANPNANPN
ANPNANPNKNNQGNGQGHNMPNDPNRNVDENANANSAVKNNNNEEPSDKHIKEYLNKIQNSLSTEWSPCSVTCGNGIQVR
IKPGSANKPKDELDYANDIEKKICKMEKCSSVFNVVNS
;
I
2 'polypeptide(L)'
;QVQLVESGGGVVQPGGSLRLSCAASGFTFSGYGMHWVRQVPGKGLEWVAIIWFDGSQKYYADSVQGRFTISRDNSKKTLF
LRMNSLRAEDTAVYYCAKVHDDEPTQDYWGQGTLVTVSSASTKGPSVFPLAPSSKSTSGGTAALGCLVKDYFPEPVTVSW
NSGALTSGVHTFPAVLQSSGLYSLSSVVTVPSSSLGTQTYICNVNHKPSNTKVDKKVEPKSCD
;
H,A,C,E,M
3 'polypeptide(L)'
;DIQMTQSPSTLSASVGDRVTITCRASQGISTSLAWYQQKPGKAPKLLIYKASSLESGVPSRFSGSGSGTEFTLTITSLQP
EDFATYYCQQYKRYWTFGQGTKVEIKRTVAAPSVFIFPPSDEQLKSGTASVVCLLNNFYPREAKVQWKVDNALQSGNSQE
SVTEQDSKDSTYSLSSTLTLSKADYEKHKVYACEVTHQGLSSPVTKSFNRGEC
;
L,B,D,F,N
#
# COMPACT_ATOMS: atom_id res chain seq x y z
N ASN A 106 -12.76 -8.42 -12.93
CA ASN A 106 -12.72 -9.71 -12.27
C ASN A 106 -14.07 -10.08 -11.68
N PRO A 107 -14.77 -11.03 -12.30
CA PRO A 107 -16.06 -11.48 -11.75
C PRO A 107 -15.95 -12.07 -10.36
N ASN A 108 -14.82 -12.67 -10.01
CA ASN A 108 -14.63 -13.28 -8.70
C ASN A 108 -13.83 -12.37 -7.76
N ALA A 109 -13.78 -11.08 -8.05
CA ALA A 109 -13.22 -10.13 -7.09
C ALA A 109 -14.14 -10.05 -5.87
N ASN A 110 -13.53 -9.76 -4.72
CA ASN A 110 -14.27 -9.76 -3.45
C ASN A 110 -15.41 -8.76 -3.49
N PRO A 111 -16.67 -9.21 -3.50
CA PRO A 111 -17.81 -8.30 -3.60
C PRO A 111 -18.37 -7.81 -2.27
N ASN A 112 -17.68 -8.04 -1.16
CA ASN A 112 -18.18 -7.68 0.16
C ASN A 112 -17.81 -6.25 0.51
N ALA A 113 -18.66 -5.63 1.31
CA ALA A 113 -18.38 -4.29 1.82
C ALA A 113 -17.42 -4.37 3.00
N ASN A 114 -16.67 -3.28 3.20
CA ASN A 114 -15.66 -3.21 4.26
C ASN A 114 -15.92 -1.97 5.11
N PRO A 115 -16.83 -2.07 6.08
CA PRO A 115 -17.05 -0.97 7.01
C PRO A 115 -16.05 -0.92 8.15
N ASN A 116 -15.14 -1.90 8.23
CA ASN A 116 -14.18 -2.00 9.32
C ASN A 116 -12.88 -1.28 9.00
N ALA A 117 -12.80 -0.59 7.86
CA ALA A 117 -11.63 0.21 7.55
C ALA A 117 -11.49 1.36 8.55
N ASN A 118 -10.26 1.80 8.77
CA ASN A 118 -10.00 2.82 9.78
C ASN A 118 -10.66 4.13 9.38
N PRO A 119 -11.58 4.66 10.17
CA PRO A 119 -12.27 5.91 9.81
C PRO A 119 -11.66 7.17 10.40
N ASN A 120 -10.50 7.08 11.05
CA ASN A 120 -9.87 8.23 11.66
C ASN A 120 -9.13 9.07 10.61
N ALA A 121 -9.02 10.36 10.88
CA ALA A 121 -8.15 11.23 10.11
C ALA A 121 -6.70 10.96 10.50
N ASN A 122 -5.79 11.23 9.57
CA ASN A 122 -4.36 11.02 9.79
C ASN A 122 -3.58 12.28 9.41
N PRO A 123 -3.64 13.33 10.22
CA PRO A 123 -2.77 14.49 10.00
C PRO A 123 -1.30 14.24 10.29
N ASN A 124 -0.97 13.11 10.92
CA ASN A 124 0.38 12.85 11.39
C ASN A 124 1.24 12.14 10.35
N ALA A 125 0.73 11.94 9.14
CA ALA A 125 1.53 11.37 8.08
C ALA A 125 2.61 12.35 7.67
N ASN A 126 3.65 11.83 7.03
CA ASN A 126 4.81 12.64 6.70
C ASN A 126 4.40 13.73 5.70
N PRO A 127 4.56 15.01 6.05
CA PRO A 127 4.16 16.07 5.13
C PRO A 127 5.31 16.57 4.27
N ASN A 128 6.46 15.92 4.38
CA ASN A 128 7.64 16.26 3.60
C ASN A 128 7.53 15.69 2.19
N ALA A 129 8.04 16.45 1.23
CA ALA A 129 8.16 15.94 -0.13
C ALA A 129 9.24 14.86 -0.19
N ASN A 130 9.06 13.93 -1.13
CA ASN A 130 10.00 12.81 -1.32
C ASN A 130 10.52 12.89 -2.75
N PRO A 131 11.60 13.64 -2.97
CA PRO A 131 12.16 13.76 -4.33
C PRO A 131 13.20 12.73 -4.67
N ASN A 132 13.73 11.99 -3.68
CA ASN A 132 14.78 11.02 -3.92
C ASN A 132 14.25 9.59 -3.85
N ALA A 133 12.94 9.43 -4.01
CA ALA A 133 12.38 8.09 -4.20
C ALA A 133 12.83 7.55 -5.55
N ASN A 134 12.92 6.23 -5.65
CA ASN A 134 13.43 5.57 -6.85
C ASN A 134 12.61 5.95 -8.06
N PRO A 135 13.15 6.74 -9.00
CA PRO A 135 12.37 7.18 -10.15
C PRO A 135 12.49 6.29 -11.39
N ASN A 136 13.11 5.12 -11.27
CA ASN A 136 13.22 4.18 -12.37
C ASN A 136 11.91 3.44 -12.57
N ALA A 137 11.69 3.02 -13.82
CA ALA A 137 10.60 2.11 -14.09
C ALA A 137 10.91 0.74 -13.52
N ASN A 138 9.85 0.02 -13.11
CA ASN A 138 9.98 -1.30 -12.50
C ASN A 138 9.10 -2.28 -13.26
N PRO A 139 9.53 -2.72 -14.44
CA PRO A 139 8.76 -3.74 -15.16
C PRO A 139 9.02 -5.14 -14.65
N ASN A 140 9.92 -5.30 -13.69
CA ASN A 140 10.31 -6.61 -13.19
C ASN A 140 9.52 -7.03 -11.97
N ALA A 141 8.55 -6.23 -11.54
CA ALA A 141 7.67 -6.64 -10.46
C ALA A 141 6.84 -7.83 -10.90
N ASN A 142 6.48 -8.68 -9.93
CA ASN A 142 5.73 -9.89 -10.23
C ASN A 142 4.40 -9.53 -10.92
N PRO A 143 4.23 -9.87 -12.20
CA PRO A 143 3.01 -9.46 -12.91
C PRO A 143 1.87 -10.44 -12.78
N ASN A 144 1.98 -11.45 -11.94
CA ASN A 144 0.92 -12.43 -11.74
C ASN A 144 -0.08 -11.91 -10.72
N ALA A 145 -1.04 -12.77 -10.36
CA ALA A 145 -2.07 -12.41 -9.39
C ALA A 145 -1.70 -12.93 -8.00
N GLN B 1 21.58 27.76 8.86
CA GLN B 1 21.57 28.98 8.08
C GLN B 1 20.11 29.31 7.76
N VAL B 2 19.25 28.30 7.91
CA VAL B 2 17.82 28.42 7.68
C VAL B 2 17.26 29.63 8.41
N GLN B 3 16.58 30.51 7.68
CA GLN B 3 16.08 31.76 8.23
C GLN B 3 14.57 31.85 7.97
N LEU B 4 13.81 32.18 9.02
CA LEU B 4 12.37 32.38 8.93
C LEU B 4 12.00 33.68 9.60
N VAL B 5 11.10 34.45 8.98
CA VAL B 5 10.62 35.71 9.53
C VAL B 5 9.10 35.72 9.40
N GLU B 6 8.45 36.54 10.24
CA GLU B 6 7.01 36.67 10.25
C GLU B 6 6.62 38.14 10.30
N SER B 7 5.51 38.48 9.64
CA SER B 7 5.01 39.84 9.63
C SER B 7 3.49 39.86 9.68
N GLY B 8 2.89 41.05 9.62
CA GLY B 8 1.46 41.18 9.64
C GLY B 8 0.83 41.23 11.02
N GLY B 9 1.62 41.34 12.08
CA GLY B 9 1.10 41.42 13.42
C GLY B 9 0.57 42.81 13.75
N GLY B 10 0.19 42.98 15.01
CA GLY B 10 -0.34 44.23 15.51
C GLY B 10 -1.56 44.00 16.37
N VAL B 11 -2.48 44.96 16.34
CA VAL B 11 -3.71 44.90 17.11
C VAL B 11 -4.89 44.92 16.16
N VAL B 12 -5.95 44.21 16.53
CA VAL B 12 -7.17 44.17 15.73
C VAL B 12 -8.36 44.09 16.67
N GLN B 13 -9.48 44.64 16.23
CA GLN B 13 -10.72 44.58 16.99
C GLN B 13 -11.26 43.15 17.00
N PRO B 14 -11.91 42.75 18.09
CA PRO B 14 -12.47 41.39 18.15
C PRO B 14 -13.50 41.17 17.05
N GLY B 15 -13.50 39.96 16.48
CA GLY B 15 -14.36 39.63 15.38
C GLY B 15 -13.85 40.03 14.02
N GLY B 16 -12.68 40.68 13.95
CA GLY B 16 -12.11 41.10 12.70
C GLY B 16 -11.31 39.99 12.03
N SER B 17 -10.60 40.38 10.97
CA SER B 17 -9.79 39.45 10.20
C SER B 17 -8.37 39.99 10.05
N LEU B 18 -7.42 39.06 10.02
CA LEU B 18 -6.01 39.39 9.90
C LEU B 18 -5.31 38.29 9.14
N ARG B 19 -4.27 38.64 8.39
CA ARG B 19 -3.56 37.71 7.53
C ARG B 19 -2.06 37.78 7.81
N LEU B 20 -1.51 36.70 8.35
CA LEU B 20 -0.09 36.63 8.63
C LEU B 20 0.67 36.03 7.45
N SER B 21 1.96 36.33 7.39
CA SER B 21 2.84 35.79 6.36
C SER B 21 4.14 35.35 7.01
N CYS B 22 4.74 34.29 6.46
CA CYS B 22 5.99 33.72 6.95
C CYS B 22 6.92 33.51 5.76
N ALA B 23 7.80 34.48 5.52
CA ALA B 23 8.80 34.33 4.49
C ALA B 23 9.87 33.34 4.94
N ALA B 24 10.35 32.55 3.98
CA ALA B 24 11.33 31.50 4.27
C ALA B 24 12.50 31.61 3.28
N SER B 25 13.66 31.12 3.72
CA SER B 25 14.86 31.14 2.88
C SER B 25 15.90 30.17 3.43
N GLY B 26 16.84 29.76 2.58
CA GLY B 26 17.90 28.86 2.97
C GLY B 26 17.57 27.39 2.94
N PHE B 27 16.35 27.03 2.55
CA PHE B 27 15.95 25.63 2.44
C PHE B 27 14.91 25.52 1.34
N THR B 28 14.72 24.30 0.83
CA THR B 28 13.78 24.09 -0.26
C THR B 28 12.36 24.19 0.25
N PHE B 29 11.84 25.41 0.30
CA PHE B 29 10.50 25.64 0.86
C PHE B 29 9.43 24.88 0.07
N SER B 30 9.62 24.75 -1.24
CA SER B 30 8.62 24.09 -2.08
C SER B 30 8.50 22.60 -1.78
N GLY B 31 9.44 22.02 -1.04
CA GLY B 31 9.40 20.61 -0.73
C GLY B 31 9.28 20.25 0.74
N TYR B 32 8.72 21.13 1.56
CA TYR B 32 8.56 20.86 2.98
C TYR B 32 7.18 21.27 3.46
N GLY B 33 6.72 20.59 4.52
CA GLY B 33 5.48 20.97 5.17
C GLY B 33 5.68 22.11 6.15
N MET B 34 4.58 22.79 6.46
CA MET B 34 4.61 23.97 7.31
C MET B 34 3.76 23.75 8.55
N HIS B 35 3.89 24.70 9.49
CA HIS B 35 3.10 24.69 10.72
C HIS B 35 2.88 26.11 11.20
N TRP B 36 1.94 26.25 12.13
CA TRP B 36 1.78 27.46 12.92
C TRP B 36 1.57 27.04 14.38
N VAL B 37 2.48 27.46 15.24
CA VAL B 37 2.43 27.13 16.66
C VAL B 37 2.40 28.43 17.45
N ARG B 38 1.49 28.53 18.41
CA ARG B 38 1.31 29.76 19.16
C ARG B 38 1.62 29.52 20.64
N GLN B 39 2.04 30.60 21.30
CA GLN B 39 2.36 30.59 22.71
C GLN B 39 1.74 31.82 23.36
N VAL B 40 0.74 31.60 24.21
CA VAL B 40 0.22 32.68 25.03
C VAL B 40 1.29 33.11 26.02
N PRO B 41 1.60 34.40 26.13
CA PRO B 41 2.76 34.82 26.93
C PRO B 41 2.69 34.30 28.36
N GLY B 42 3.78 33.70 28.81
CA GLY B 42 3.86 33.11 30.12
C GLY B 42 3.25 31.74 30.25
N LYS B 43 2.68 31.19 29.18
CA LYS B 43 2.02 29.89 29.18
C LYS B 43 2.78 28.92 28.28
N GLY B 44 2.22 27.72 28.13
CA GLY B 44 2.76 26.73 27.24
C GLY B 44 2.30 26.93 25.82
N LEU B 45 2.84 26.13 24.91
CA LEU B 45 2.53 26.20 23.50
C LEU B 45 1.31 25.36 23.17
N GLU B 46 0.71 25.64 22.02
CA GLU B 46 -0.40 24.85 21.51
C GLU B 46 -0.39 24.92 19.98
N TRP B 47 -0.46 23.75 19.36
CA TRP B 47 -0.46 23.66 17.90
C TRP B 47 -1.71 24.30 17.33
N VAL B 48 -1.62 24.81 16.11
CA VAL B 48 -2.73 25.50 15.46
C VAL B 48 -3.08 24.86 14.11
N ALA B 49 -2.10 24.76 13.20
CA ALA B 49 -2.42 24.31 11.85
C ALA B 49 -1.19 23.65 11.23
N ILE B 50 -1.46 22.85 10.19
CA ILE B 50 -0.43 22.22 9.38
C ILE B 50 -0.95 22.17 7.94
N ILE B 51 -0.04 22.33 6.98
CA ILE B 51 -0.36 22.19 5.57
C ILE B 51 0.72 21.34 4.92
N TRP B 52 0.32 20.40 4.08
CA TRP B 52 1.27 19.53 3.40
C TRP B 52 2.18 20.35 2.47
N PHE B 53 3.26 19.70 2.03
CA PHE B 53 4.27 20.41 1.25
C PHE B 53 3.68 20.99 -0.04
N ASP B 54 2.86 20.20 -0.73
CA ASP B 54 2.25 20.68 -1.97
C ASP B 54 0.98 21.47 -1.73
N GLY B 55 0.44 21.44 -0.51
CA GLY B 55 -0.76 22.17 -0.18
C GLY B 55 -2.06 21.42 -0.39
N SER B 56 -2.01 20.14 -0.72
CA SER B 56 -3.23 19.38 -0.93
C SER B 56 -4.02 19.22 0.37
N GLN B 57 -3.35 18.79 1.44
CA GLN B 57 -3.99 18.57 2.72
C GLN B 57 -3.74 19.75 3.65
N LYS B 58 -4.59 19.90 4.66
CA LYS B 58 -4.41 20.91 5.69
C LYS B 58 -5.31 20.58 6.88
N TYR B 59 -4.81 20.78 8.09
CA TYR B 59 -5.52 20.44 9.31
C TYR B 59 -5.50 21.62 10.27
N TYR B 60 -6.25 21.50 11.36
CA TYR B 60 -6.33 22.55 12.36
C TYR B 60 -6.59 21.93 13.71
N ALA B 61 -6.29 22.70 14.76
CA ALA B 61 -6.72 22.32 16.11
C ALA B 61 -8.21 22.63 16.27
N ASP B 62 -8.87 21.87 17.15
CA ASP B 62 -10.31 22.00 17.31
C ASP B 62 -10.72 23.39 17.78
N SER B 63 -9.85 24.09 18.51
CA SER B 63 -10.19 25.42 19.01
C SER B 63 -10.22 26.46 17.91
N VAL B 64 -9.64 26.18 16.74
CA VAL B 64 -9.58 27.12 15.64
C VAL B 64 -10.21 26.56 14.37
N GLN B 65 -10.89 25.42 14.47
CA GLN B 65 -11.48 24.79 13.28
C GLN B 65 -12.53 25.71 12.66
N GLY B 66 -12.43 25.89 11.34
CA GLY B 66 -13.39 26.66 10.59
C GLY B 66 -13.17 28.16 10.60
N ARG B 67 -12.31 28.67 11.47
CA ARG B 67 -12.05 30.11 11.55
C ARG B 67 -10.71 30.51 10.95
N PHE B 68 -9.74 29.60 10.91
CA PHE B 68 -8.41 29.89 10.39
C PHE B 68 -8.22 29.21 9.04
N THR B 69 -7.57 29.93 8.12
CA THR B 69 -7.23 29.40 6.81
C THR B 69 -5.73 29.49 6.61
N ILE B 70 -5.10 28.36 6.32
CA ILE B 70 -3.65 28.29 6.13
C ILE B 70 -3.38 27.99 4.66
N SER B 71 -2.53 28.80 4.04
CA SER B 71 -2.27 28.70 2.62
C SER B 71 -0.80 28.96 2.35
N ARG B 72 -0.33 28.50 1.18
CA ARG B 72 1.06 28.58 0.81
C ARG B 72 1.21 29.27 -0.54
N ASP B 73 2.46 29.56 -0.88
CA ASP B 73 2.82 30.08 -2.20
C ASP B 73 4.25 29.58 -2.46
N ASN B 74 4.36 28.49 -3.21
CA ASN B 74 5.67 27.87 -3.44
C ASN B 74 6.60 28.78 -4.22
N SER B 75 6.06 29.57 -5.15
CA SER B 75 6.91 30.41 -5.99
C SER B 75 7.63 31.47 -5.17
N LYS B 76 6.95 32.09 -4.22
CA LYS B 76 7.51 33.19 -3.44
C LYS B 76 8.09 32.74 -2.11
N LYS B 77 8.10 31.44 -1.83
CA LYS B 77 8.67 30.90 -0.60
C LYS B 77 8.01 31.52 0.63
N THR B 78 6.69 31.69 0.57
CA THR B 78 5.96 32.42 1.60
C THR B 78 4.81 31.59 2.13
N LEU B 79 4.70 31.52 3.46
CA LEU B 79 3.56 30.92 4.14
C LEU B 79 2.51 31.97 4.41
N PHE B 80 1.25 31.54 4.50
CA PHE B 80 0.17 32.44 4.89
C PHE B 80 -0.78 31.72 5.84
N LEU B 81 -1.40 32.51 6.73
CA LEU B 81 -2.42 32.01 7.64
C LEU B 81 -3.49 33.08 7.78
N ARG B 82 -4.66 32.82 7.22
CA ARG B 82 -5.77 33.77 7.20
C ARG B 82 -6.62 33.55 8.45
N MET B 83 -6.84 34.63 9.20
CA MET B 83 -7.57 34.58 10.46
C MET B 83 -8.92 35.27 10.26
N ASN B 84 -9.98 34.61 10.68
CA ASN B 84 -11.33 35.16 10.58
C ASN B 84 -12.05 35.09 11.92
N SER B 85 -12.80 36.14 12.23
CA SER B 85 -13.57 36.25 13.47
C SER B 85 -12.67 36.04 14.69
N LEU B 86 -11.71 36.93 14.85
CA LEU B 86 -10.76 36.83 15.95
C LEU B 86 -11.43 37.13 17.28
N ARG B 87 -11.13 36.31 18.29
CA ARG B 87 -11.70 36.46 19.61
C ARG B 87 -10.61 36.88 20.60
N ALA B 88 -11.05 37.38 21.76
CA ALA B 88 -10.11 37.89 22.75
C ALA B 88 -9.18 36.82 23.28
N GLU B 89 -9.57 35.54 23.17
CA GLU B 89 -8.71 34.45 23.62
C GLU B 89 -7.50 34.26 22.72
N ASP B 90 -7.61 34.61 21.43
CA ASP B 90 -6.57 34.32 20.45
C ASP B 90 -5.32 35.17 20.62
N THR B 91 -5.33 36.16 21.50
CA THR B 91 -4.15 36.99 21.72
C THR B 91 -3.00 36.15 22.22
N ALA B 92 -1.96 36.01 21.39
CA ALA B 92 -0.79 35.22 21.72
C ALA B 92 0.30 35.52 20.69
N VAL B 93 1.48 34.95 20.91
CA VAL B 93 2.59 35.10 19.98
C VAL B 93 2.52 33.97 18.96
N TYR B 94 2.53 34.32 17.68
CA TYR B 94 2.38 33.35 16.60
C TYR B 94 3.74 33.05 15.99
N TYR B 95 4.04 31.76 15.85
CA TYR B 95 5.34 31.30 15.38
C TYR B 95 5.18 30.57 14.05
N CYS B 96 6.17 30.74 13.18
CA CYS B 96 6.31 29.86 12.02
C CYS B 96 7.19 28.67 12.37
N ALA B 97 7.05 27.59 11.61
CA ALA B 97 7.79 26.39 11.92
C ALA B 97 7.97 25.54 10.66
N LYS B 98 9.03 24.73 10.66
CA LYS B 98 9.35 23.85 9.55
C LYS B 98 9.36 22.40 10.01
N VAL B 99 8.80 21.52 9.18
CA VAL B 99 8.76 20.10 9.48
C VAL B 99 10.16 19.52 9.36
N HIS B 100 10.51 18.62 10.27
CA HIS B 100 11.78 17.92 10.19
C HIS B 100 11.79 16.97 8.99
N ASP B 101 13.00 16.61 8.56
CA ASP B 101 13.13 15.78 7.36
C ASP B 101 12.58 14.37 7.59
N ASP B 102 12.99 13.73 8.67
CA ASP B 102 12.63 12.34 8.93
C ASP B 102 11.29 12.23 9.65
N GLU B 103 11.18 12.89 10.79
CA GLU B 103 10.02 12.69 11.66
C GLU B 103 9.18 13.96 11.69
N PRO B 104 7.85 13.85 11.54
CA PRO B 104 7.01 15.04 11.33
C PRO B 104 6.88 15.92 12.57
N THR B 105 8.01 16.35 13.10
CA THR B 105 8.05 17.30 14.20
C THR B 105 8.28 18.70 13.63
N GLN B 106 8.52 19.69 14.50
CA GLN B 106 8.92 21.02 14.09
C GLN B 106 10.37 21.23 14.49
N ASP B 107 11.21 21.61 13.52
CA ASP B 107 12.65 21.61 13.75
C ASP B 107 13.13 23.02 14.08
N TYR B 108 12.88 23.98 13.19
CA TYR B 108 13.36 25.35 13.36
C TYR B 108 12.16 26.28 13.48
N TRP B 109 12.20 27.16 14.48
CA TRP B 109 11.16 28.15 14.71
C TRP B 109 11.64 29.53 14.31
N GLY B 110 10.81 30.25 13.58
CA GLY B 110 11.07 31.65 13.31
C GLY B 110 10.84 32.48 14.56
N GLN B 111 11.33 33.72 14.57
CA GLN B 111 11.22 34.55 15.76
C GLN B 111 9.78 34.87 16.16
N GLY B 112 8.85 34.86 15.21
CA GLY B 112 7.44 35.00 15.52
C GLY B 112 7.00 36.45 15.66
N THR B 113 5.69 36.64 15.49
CA THR B 113 5.07 37.94 15.61
C THR B 113 4.12 37.95 16.80
N LEU B 114 3.71 39.15 17.19
CA LEU B 114 2.77 39.34 18.30
C LEU B 114 1.49 39.96 17.79
N VAL B 115 0.36 39.32 18.12
CA VAL B 115 -0.96 39.82 17.74
C VAL B 115 -1.79 39.93 19.03
N THR B 116 -2.53 41.03 19.16
CA THR B 116 -3.40 41.26 20.30
C THR B 116 -4.78 41.63 19.81
N VAL B 117 -5.77 41.42 20.68
CA VAL B 117 -7.15 41.70 20.34
C VAL B 117 -7.69 42.83 21.20
N ASP C 1 -7.58 13.67 21.74
CA ASP C 1 -6.16 13.87 21.56
C ASP C 1 -5.36 13.31 22.73
N ILE C 2 -4.03 13.41 22.64
CA ILE C 2 -3.20 13.05 23.77
C ILE C 2 -3.13 14.24 24.74
N GLN C 3 -2.87 13.94 26.00
CA GLN C 3 -2.67 14.95 27.03
C GLN C 3 -1.32 14.74 27.67
N MET C 4 -0.60 15.84 27.92
CA MET C 4 0.81 15.78 28.26
C MET C 4 1.06 16.42 29.62
N THR C 5 1.94 15.80 30.41
CA THR C 5 2.27 16.30 31.74
C THR C 5 3.77 16.19 31.97
N GLN C 6 4.35 17.23 32.57
CA GLN C 6 5.75 17.22 32.98
C GLN C 6 5.86 17.60 34.45
N SER C 7 6.92 17.11 35.10
CA SER C 7 7.18 17.41 36.50
C SER C 7 8.68 17.29 36.75
N PRO C 8 9.25 18.14 37.60
CA PRO C 8 8.62 19.25 38.35
C PRO C 8 8.40 20.47 37.47
N SER C 9 7.43 21.32 37.81
CA SER C 9 7.14 22.48 36.96
C SER C 9 8.19 23.57 37.13
N THR C 10 8.97 23.54 38.22
CA THR C 10 10.03 24.50 38.46
C THR C 10 11.17 23.78 39.19
N LEU C 11 12.39 23.96 38.70
CA LEU C 11 13.56 23.29 39.25
C LEU C 11 14.67 24.31 39.45
N SER C 12 15.43 24.15 40.53
CA SER C 12 16.53 25.04 40.85
C SER C 12 17.83 24.24 40.98
N ALA C 13 18.87 24.69 40.29
CA ALA C 13 20.14 23.99 40.28
C ALA C 13 21.24 24.96 39.87
N SER C 14 22.45 24.68 40.35
CA SER C 14 23.61 25.50 40.05
C SER C 14 24.25 25.07 38.73
N VAL C 15 25.40 25.65 38.44
CA VAL C 15 26.17 25.29 37.25
C VAL C 15 27.02 24.06 37.56
N GLY C 16 26.92 23.03 36.72
CA GLY C 16 27.76 21.87 36.80
C GLY C 16 27.14 20.65 37.46
N ASP C 17 25.89 20.73 37.89
CA ASP C 17 25.23 19.56 38.47
C ASP C 17 24.50 18.76 37.39
N ARG C 18 23.66 17.84 37.83
CA ARG C 18 22.91 16.95 36.94
C ARG C 18 21.42 17.14 37.19
N VAL C 19 20.66 17.32 36.12
CA VAL C 19 19.23 17.61 36.20
C VAL C 19 18.46 16.62 35.33
N THR C 20 17.40 16.04 35.89
CA THR C 20 16.51 15.15 35.17
C THR C 20 15.09 15.68 35.22
N ILE C 21 14.41 15.60 34.08
CA ILE C 21 13.04 16.08 33.93
C ILE C 21 12.18 14.93 33.46
N THR C 22 11.08 14.68 34.18
CA THR C 22 10.18 13.57 33.89
C THR C 22 8.96 14.08 33.13
N CYS C 23 8.73 13.51 31.95
CA CYS C 23 7.58 13.88 31.12
C CYS C 23 6.68 12.66 30.99
N ARG C 24 5.48 12.75 31.55
CA ARG C 24 4.53 11.64 31.56
C ARG C 24 3.35 11.97 30.65
N ALA C 25 2.88 10.96 29.93
CA ALA C 25 1.78 11.11 28.99
C ALA C 25 0.77 9.99 29.17
N SER C 26 -0.46 10.27 28.73
CA SER C 26 -1.45 9.22 28.59
C SER C 26 -1.38 8.63 27.19
N GLN C 27 -2.00 7.47 27.01
CA GLN C 27 -2.04 6.79 25.72
C GLN C 27 -0.63 6.49 25.21
N GLY C 28 0.02 5.56 25.91
CA GLY C 28 1.43 5.23 25.75
C GLY C 28 1.98 5.28 24.34
N ILE C 29 3.15 5.91 24.20
CA ILE C 29 3.73 6.22 22.90
C ILE C 29 4.98 5.38 22.62
N SER C 30 6.01 5.57 23.44
CA SER C 30 7.26 4.79 23.45
C SER C 30 8.19 5.12 22.28
N THR C 31 7.68 5.85 21.28
CA THR C 31 8.54 6.21 20.15
C THR C 31 8.62 7.73 19.94
N SER C 32 7.46 8.36 19.83
CA SER C 32 7.32 9.70 19.24
C SER C 32 7.16 10.74 20.34
N LEU C 33 8.29 11.12 20.96
CA LEU C 33 8.27 12.17 21.98
C LEU C 33 9.53 13.04 21.81
N ALA C 34 9.35 14.36 21.88
CA ALA C 34 10.45 15.30 21.74
C ALA C 34 10.96 15.85 23.06
N TRP C 35 11.92 16.76 22.96
CA TRP C 35 12.33 17.62 24.07
C TRP C 35 12.78 18.95 23.47
N TYR C 36 12.55 20.03 24.19
CA TYR C 36 12.64 21.36 23.59
C TYR C 36 13.46 22.27 24.49
N GLN C 37 13.57 23.53 24.09
CA GLN C 37 14.25 24.56 24.85
C GLN C 37 13.79 25.91 24.33
N GLN C 38 13.48 26.83 25.24
CA GLN C 38 13.04 28.17 24.87
C GLN C 38 13.69 29.16 25.81
N LYS C 39 14.69 29.88 25.32
CA LYS C 39 15.25 30.99 26.07
C LYS C 39 14.20 32.10 26.20
N PRO C 40 14.21 32.85 27.30
CA PRO C 40 13.21 33.89 27.48
C PRO C 40 13.24 34.90 26.34
N GLY C 41 12.10 35.00 25.64
CA GLY C 41 11.98 35.91 24.52
C GLY C 41 12.47 35.38 23.19
N LYS C 42 13.02 34.17 23.15
CA LYS C 42 13.58 33.61 21.94
C LYS C 42 12.68 32.48 21.43
N ALA C 43 12.78 32.23 20.12
CA ALA C 43 12.02 31.13 19.53
C ALA C 43 12.59 29.79 20.01
N PRO C 44 11.72 28.83 20.33
CA PRO C 44 12.20 27.53 20.78
C PRO C 44 12.91 26.77 19.66
N LYS C 45 13.87 25.93 20.07
CA LYS C 45 14.64 25.15 19.12
C LYS C 45 14.65 23.70 19.56
N LEU C 46 14.61 22.80 18.58
CA LEU C 46 14.54 21.37 18.86
C LEU C 46 15.82 20.88 19.54
N LEU C 47 15.66 19.96 20.47
CA LEU C 47 16.78 19.31 21.14
C LEU C 47 16.87 17.81 20.92
N ILE C 48 15.80 17.05 21.12
CA ILE C 48 15.83 15.60 20.99
C ILE C 48 14.58 15.14 20.26
N TYR C 49 14.76 14.24 19.30
CA TYR C 49 13.66 13.60 18.60
C TYR C 49 13.76 12.09 18.75
N LYS C 50 12.59 11.44 18.70
CA LYS C 50 12.44 10.03 19.08
C LYS C 50 12.90 9.79 20.51
N ALA C 51 13.00 10.85 21.31
CA ALA C 51 13.32 10.79 22.73
C ALA C 51 14.71 10.19 23.00
N SER C 52 15.45 9.85 21.94
CA SER C 52 16.78 9.29 22.14
C SER C 52 17.80 9.87 21.16
N SER C 53 17.33 10.53 20.10
CA SER C 53 18.22 11.03 19.07
C SER C 53 18.39 12.55 19.19
N LEU C 54 19.64 12.99 19.13
CA LEU C 54 19.97 14.40 19.27
C LEU C 54 19.91 15.10 17.92
N GLU C 55 19.30 16.29 17.91
CA GLU C 55 19.32 17.14 16.75
C GLU C 55 20.74 17.66 16.52
N SER C 56 21.10 17.83 15.24
CA SER C 56 22.43 18.28 14.89
C SER C 56 22.73 19.65 15.52
N GLY C 57 23.91 19.75 16.13
CA GLY C 57 24.33 20.97 16.80
C GLY C 57 24.14 20.94 18.31
N VAL C 58 23.31 20.06 18.83
CA VAL C 58 23.10 19.92 20.27
C VAL C 58 24.26 19.13 20.86
N PRO C 59 24.92 19.64 21.90
CA PRO C 59 26.06 18.91 22.48
C PRO C 59 25.63 17.59 23.11
N SER C 60 26.63 16.75 23.36
CA SER C 60 26.38 15.39 23.87
C SER C 60 25.90 15.39 25.32
N ARG C 61 25.92 16.53 26.00
CA ARG C 61 25.44 16.58 27.38
C ARG C 61 23.98 16.16 27.51
N PHE C 62 23.14 16.54 26.56
CA PHE C 62 21.71 16.24 26.61
C PHE C 62 21.50 14.76 26.31
N SER C 63 20.67 14.11 27.12
CA SER C 63 20.37 12.70 26.96
C SER C 63 18.92 12.45 27.32
N GLY C 64 18.24 11.63 26.51
CA GLY C 64 16.86 11.30 26.75
C GLY C 64 16.64 9.80 26.64
N SER C 65 15.67 9.33 27.42
CA SER C 65 15.31 7.91 27.41
C SER C 65 13.89 7.78 27.96
N GLY C 66 13.27 6.67 27.62
CA GLY C 66 11.94 6.37 28.13
C GLY C 66 11.09 5.70 27.06
N SER C 67 10.05 5.03 27.53
CA SER C 67 9.08 4.36 26.67
C SER C 67 7.80 4.16 27.44
N GLY C 68 6.73 3.86 26.72
CA GLY C 68 5.45 3.66 27.36
C GLY C 68 4.77 5.00 27.62
N THR C 69 4.49 5.28 28.89
CA THR C 69 3.81 6.50 29.28
C THR C 69 4.73 7.49 29.99
N GLU C 70 5.98 7.11 30.24
CA GLU C 70 6.93 7.95 30.99
C GLU C 70 8.17 8.18 30.13
N PHE C 71 8.68 9.41 30.16
CA PHE C 71 9.89 9.77 29.44
C PHE C 71 10.70 10.73 30.30
N THR C 72 12.03 10.70 30.11
CA THR C 72 12.94 11.53 30.90
C THR C 72 13.93 12.22 29.99
N LEU C 73 14.38 13.39 30.43
CA LEU C 73 15.46 14.13 29.80
C LEU C 73 16.56 14.38 30.83
N THR C 74 17.77 13.94 30.51
CA THR C 74 18.89 14.02 31.44
C THR C 74 19.93 15.00 30.91
N ILE C 75 20.23 16.02 31.72
CA ILE C 75 21.25 17.00 31.39
C ILE C 75 22.39 16.81 32.39
N THR C 76 23.59 16.54 31.88
CA THR C 76 24.77 16.33 32.70
C THR C 76 25.69 17.54 32.60
N SER C 77 26.22 17.95 33.76
CA SER C 77 27.10 19.11 33.85
C SER C 77 26.42 20.36 33.28
N LEU C 78 25.35 20.78 33.95
CA LEU C 78 24.58 21.94 33.49
C LEU C 78 25.46 23.17 33.37
N GLN C 79 25.29 23.90 32.27
CA GLN C 79 26.12 25.03 31.91
C GLN C 79 25.30 26.30 31.83
N PRO C 80 25.93 27.47 31.97
CA PRO C 80 25.16 28.73 32.05
C PRO C 80 24.26 29.01 30.86
N GLU C 81 24.62 28.54 29.66
CA GLU C 81 23.76 28.79 28.50
C GLU C 81 22.65 27.76 28.38
N ASP C 82 22.45 26.92 29.39
CA ASP C 82 21.38 25.92 29.39
C ASP C 82 20.20 26.30 30.27
N PHE C 83 20.31 27.38 31.04
CA PHE C 83 19.26 27.77 31.99
C PHE C 83 18.09 28.36 31.23
N ALA C 84 17.14 27.49 30.86
CA ALA C 84 15.94 27.91 30.15
C ALA C 84 14.82 26.93 30.49
N THR C 85 13.72 27.02 29.74
CA THR C 85 12.54 26.19 29.96
C THR C 85 12.51 25.10 28.90
N TYR C 86 12.44 23.84 29.35
CA TYR C 86 12.40 22.69 28.45
C TYR C 86 10.96 22.19 28.36
N TYR C 87 10.44 22.11 27.14
CA TYR C 87 9.08 21.66 26.91
C TYR C 87 9.06 20.17 26.52
N CYS C 88 7.88 19.70 26.09
CA CYS C 88 7.67 18.30 25.76
C CYS C 88 6.63 18.22 24.65
N GLN C 89 6.70 17.13 23.86
CA GLN C 89 5.83 17.00 22.70
C GLN C 89 5.69 15.53 22.32
N GLN C 90 4.71 15.24 21.46
CA GLN C 90 4.43 13.91 20.94
C GLN C 90 3.88 14.04 19.53
N TYR C 91 3.91 12.94 18.76
CA TYR C 91 3.44 12.99 17.38
C TYR C 91 2.53 11.84 16.98
N LYS C 92 2.06 11.00 17.90
CA LYS C 92 1.12 9.97 17.50
C LYS C 92 -0.19 10.58 17.00
N ARG C 93 -0.66 11.62 17.67
CA ARG C 93 -1.87 12.33 17.27
C ARG C 93 -1.54 13.81 17.13
N TYR C 94 -2.58 14.63 17.04
CA TYR C 94 -2.43 16.08 16.99
C TYR C 94 -1.44 16.55 18.05
N TRP C 95 -0.52 17.42 17.66
CA TRP C 95 0.58 17.79 18.55
C TRP C 95 0.09 18.65 19.69
N THR C 96 0.40 18.24 20.92
CA THR C 96 0.06 19.00 22.11
C THR C 96 1.31 19.18 22.95
N PHE C 97 1.57 20.42 23.38
CA PHE C 97 2.74 20.76 24.16
C PHE C 97 2.38 20.78 25.64
N GLY C 98 3.32 20.33 26.46
CA GLY C 98 3.13 20.29 27.89
C GLY C 98 3.16 21.68 28.51
N GLN C 99 3.17 21.69 29.85
CA GLN C 99 3.16 22.93 30.60
C GLN C 99 4.51 23.65 30.61
N GLY C 100 5.61 22.92 30.71
CA GLY C 100 6.92 23.53 30.66
C GLY C 100 7.60 23.66 32.00
N THR C 101 8.80 23.10 32.12
CA THR C 101 9.60 23.18 33.33
C THR C 101 10.71 24.20 33.14
N LYS C 102 10.84 25.09 34.12
CA LYS C 102 11.86 26.13 34.10
C LYS C 102 12.97 25.77 35.07
N VAL C 103 14.21 25.84 34.59
CA VAL C 103 15.40 25.55 35.39
C VAL C 103 15.96 26.87 35.90
N GLU C 104 16.15 26.97 37.21
CA GLU C 104 16.62 28.18 37.84
C GLU C 104 17.98 27.94 38.49
N ILE C 105 18.70 29.04 38.72
CA ILE C 105 20.02 28.98 39.31
C ILE C 105 19.88 28.90 40.83
N LYS C 106 20.59 27.95 41.44
CA LYS C 106 20.54 27.77 42.88
C LYS C 106 21.66 28.54 43.56
N GLN D 1 -28.16 -17.75 11.75
CA GLN D 1 -29.60 -17.73 11.51
C GLN D 1 -29.92 -17.08 10.17
N VAL D 2 -29.13 -17.40 9.15
CA VAL D 2 -29.33 -16.87 7.82
C VAL D 2 -30.57 -17.50 7.19
N GLN D 3 -31.62 -16.70 7.02
CA GLN D 3 -32.89 -17.18 6.49
C GLN D 3 -33.09 -16.61 5.09
N LEU D 4 -33.14 -17.48 4.09
CA LEU D 4 -33.37 -17.09 2.71
C LEU D 4 -34.57 -17.85 2.17
N VAL D 5 -35.48 -17.12 1.53
CA VAL D 5 -36.68 -17.70 0.92
C VAL D 5 -36.79 -17.20 -0.51
N GLU D 6 -37.31 -18.05 -1.39
CA GLU D 6 -37.52 -17.72 -2.79
C GLU D 6 -38.98 -17.94 -3.15
N SER D 7 -39.47 -17.12 -4.09
CA SER D 7 -40.85 -17.24 -4.56
C SER D 7 -40.92 -16.99 -6.06
N GLY D 8 -42.14 -16.87 -6.58
CA GLY D 8 -42.34 -16.60 -7.99
C GLY D 8 -42.21 -17.78 -8.92
N GLY D 9 -42.07 -18.99 -8.39
CA GLY D 9 -41.97 -20.17 -9.23
C GLY D 9 -43.31 -20.57 -9.79
N GLY D 10 -43.27 -21.60 -10.64
CA GLY D 10 -44.45 -22.12 -11.29
C GLY D 10 -44.17 -22.53 -12.71
N VAL D 11 -45.18 -22.37 -13.57
CA VAL D 11 -45.10 -22.76 -14.97
C VAL D 11 -45.36 -21.54 -15.84
N VAL D 12 -44.55 -21.40 -16.89
CA VAL D 12 -44.70 -20.32 -17.85
C VAL D 12 -44.56 -20.90 -19.25
N GLN D 13 -45.19 -20.23 -20.22
CA GLN D 13 -45.08 -20.67 -21.61
C GLN D 13 -43.69 -20.34 -22.15
N PRO D 14 -43.22 -21.11 -23.14
CA PRO D 14 -41.93 -20.79 -23.76
C PRO D 14 -41.95 -19.41 -24.41
N GLY D 15 -40.84 -18.68 -24.26
CA GLY D 15 -40.74 -17.33 -24.75
C GLY D 15 -41.36 -16.28 -23.84
N GLY D 16 -41.95 -16.69 -22.71
CA GLY D 16 -42.58 -15.77 -21.80
C GLY D 16 -41.58 -15.19 -20.81
N SER D 17 -42.11 -14.49 -19.81
CA SER D 17 -41.31 -13.83 -18.80
C SER D 17 -41.80 -14.20 -17.41
N LEU D 18 -40.85 -14.28 -16.47
CA LEU D 18 -41.12 -14.57 -15.08
C LEU D 18 -40.14 -13.77 -14.24
N ARG D 19 -40.53 -13.42 -13.02
CA ARG D 19 -39.72 -12.54 -12.18
C ARG D 19 -39.57 -13.18 -10.80
N LEU D 20 -38.33 -13.47 -10.42
CA LEU D 20 -38.04 -14.15 -9.16
C LEU D 20 -37.68 -13.14 -8.07
N SER D 21 -37.85 -13.56 -6.82
CA SER D 21 -37.52 -12.73 -5.67
C SER D 21 -36.86 -13.59 -4.61
N CYS D 22 -35.99 -12.97 -3.82
CA CYS D 22 -35.23 -13.65 -2.75
C CYS D 22 -35.19 -12.73 -1.53
N ALA D 23 -36.15 -12.91 -0.63
CA ALA D 23 -36.11 -12.18 0.63
C ALA D 23 -35.03 -12.75 1.54
N ALA D 24 -34.35 -11.87 2.27
CA ALA D 24 -33.23 -12.23 3.11
C ALA D 24 -33.41 -11.67 4.52
N SER D 25 -32.78 -12.34 5.48
CA SER D 25 -32.82 -11.93 6.88
C SER D 25 -31.74 -12.64 7.68
N GLY D 26 -31.40 -12.11 8.85
CA GLY D 26 -30.39 -12.70 9.71
C GLY D 26 -28.97 -12.24 9.42
N PHE D 27 -28.77 -11.33 8.48
CA PHE D 27 -27.44 -10.82 8.16
C PHE D 27 -27.59 -9.45 7.52
N THR D 28 -26.50 -8.69 7.48
CA THR D 28 -26.53 -7.36 6.88
C THR D 28 -26.58 -7.50 5.37
N PHE D 29 -27.78 -7.65 4.82
CA PHE D 29 -27.94 -7.82 3.38
C PHE D 29 -27.49 -6.59 2.61
N SER D 30 -27.55 -5.42 3.24
CA SER D 30 -27.19 -4.17 2.57
C SER D 30 -25.74 -4.11 2.15
N GLY D 31 -24.86 -4.90 2.76
CA GLY D 31 -23.45 -4.86 2.46
C GLY D 31 -22.84 -6.14 1.93
N TYR D 32 -23.65 -7.14 1.58
CA TYR D 32 -23.15 -8.41 1.10
C TYR D 32 -23.60 -8.65 -0.33
N GLY D 33 -22.76 -9.35 -1.10
CA GLY D 33 -23.10 -9.71 -2.46
C GLY D 33 -24.04 -10.90 -2.51
N MET D 34 -24.69 -11.08 -3.65
CA MET D 34 -25.71 -12.10 -3.86
C MET D 34 -25.36 -12.94 -5.08
N HIS D 35 -25.80 -14.20 -5.05
CA HIS D 35 -25.64 -15.11 -6.17
C HIS D 35 -26.96 -15.79 -6.51
N TRP D 36 -27.08 -16.20 -7.77
CA TRP D 36 -28.12 -17.10 -8.21
C TRP D 36 -27.49 -18.35 -8.78
N VAL D 37 -27.79 -19.50 -8.19
CA VAL D 37 -27.29 -20.79 -8.65
C VAL D 37 -28.49 -21.69 -8.95
N ARG D 38 -28.48 -22.29 -10.13
CA ARG D 38 -29.59 -23.14 -10.56
C ARG D 38 -29.12 -24.59 -10.66
N GLN D 39 -30.06 -25.51 -10.47
CA GLN D 39 -29.78 -26.93 -10.49
C GLN D 39 -30.83 -27.65 -11.32
N VAL D 40 -30.40 -28.26 -12.42
CA VAL D 40 -31.25 -29.19 -13.15
C VAL D 40 -31.33 -30.49 -12.36
N PRO D 41 -32.52 -30.95 -11.97
CA PRO D 41 -32.57 -32.09 -11.05
C PRO D 41 -32.14 -33.39 -11.71
N GLY D 42 -31.33 -34.16 -10.98
CA GLY D 42 -30.62 -35.29 -11.54
C GLY D 42 -29.28 -34.95 -12.15
N LYS D 43 -28.89 -33.67 -12.16
CA LYS D 43 -27.63 -33.20 -12.71
C LYS D 43 -26.90 -32.34 -11.68
N GLY D 44 -25.80 -31.73 -12.12
CA GLY D 44 -25.05 -30.82 -11.29
C GLY D 44 -25.60 -29.41 -11.36
N LEU D 45 -24.94 -28.51 -10.63
CA LEU D 45 -25.33 -27.11 -10.58
C LEU D 45 -24.57 -26.33 -11.65
N GLU D 46 -25.14 -25.18 -12.00
CA GLU D 46 -24.50 -24.24 -12.91
C GLU D 46 -24.81 -22.82 -12.45
N TRP D 47 -23.75 -22.04 -12.24
CA TRP D 47 -23.89 -20.67 -11.76
C TRP D 47 -24.58 -19.82 -12.82
N VAL D 48 -25.40 -18.87 -12.37
CA VAL D 48 -26.17 -18.01 -13.26
C VAL D 48 -25.64 -16.58 -13.27
N ALA D 49 -25.67 -15.90 -12.12
CA ALA D 49 -25.32 -14.48 -12.09
C ALA D 49 -24.83 -14.09 -10.70
N ILE D 50 -24.10 -12.98 -10.66
CA ILE D 50 -23.60 -12.39 -9.41
C ILE D 50 -23.88 -10.89 -9.46
N ILE D 51 -24.30 -10.34 -8.33
CA ILE D 51 -24.52 -8.90 -8.18
C ILE D 51 -23.68 -8.42 -7.01
N TRP D 52 -22.97 -7.31 -7.21
CA TRP D 52 -22.12 -6.77 -6.16
C TRP D 52 -22.97 -6.25 -5.00
N PHE D 53 -22.31 -5.99 -3.87
CA PHE D 53 -23.02 -5.56 -2.67
C PHE D 53 -23.70 -4.22 -2.90
N ASP D 54 -23.02 -3.29 -3.58
CA ASP D 54 -23.60 -1.99 -3.85
C ASP D 54 -24.47 -2.01 -5.12
N GLY D 55 -24.40 -3.07 -5.91
CA GLY D 55 -25.18 -3.18 -7.13
C GLY D 55 -24.54 -2.56 -8.36
N SER D 56 -23.31 -2.07 -8.25
CA SER D 56 -22.66 -1.46 -9.41
C SER D 56 -22.25 -2.50 -10.44
N GLN D 57 -21.65 -3.59 -9.99
CA GLN D 57 -21.13 -4.63 -10.88
C GLN D 57 -22.09 -5.82 -10.94
N LYS D 58 -22.12 -6.48 -12.08
CA LYS D 58 -22.94 -7.68 -12.26
C LYS D 58 -22.43 -8.51 -13.43
N TYR D 59 -22.39 -9.83 -13.26
CA TYR D 59 -21.90 -10.75 -14.28
C TYR D 59 -22.94 -11.84 -14.52
N TYR D 60 -22.78 -12.56 -15.62
CA TYR D 60 -23.66 -13.68 -15.95
C TYR D 60 -22.86 -14.74 -16.69
N ALA D 61 -23.42 -15.95 -16.73
CA ALA D 61 -22.86 -16.99 -17.56
C ALA D 61 -23.15 -16.73 -19.03
N ASP D 62 -22.35 -17.33 -19.91
CA ASP D 62 -22.51 -17.10 -21.34
C ASP D 62 -23.85 -17.61 -21.85
N SER D 63 -24.33 -18.73 -21.32
CA SER D 63 -25.60 -19.29 -21.78
C SER D 63 -26.79 -18.42 -21.39
N VAL D 64 -26.62 -17.52 -20.42
CA VAL D 64 -27.69 -16.66 -19.95
C VAL D 64 -27.41 -15.18 -20.24
N GLN D 65 -26.29 -14.88 -20.90
CA GLN D 65 -25.93 -13.50 -21.19
C GLN D 65 -26.96 -12.85 -22.11
N GLY D 66 -27.38 -11.64 -21.75
CA GLY D 66 -28.27 -10.86 -22.57
C GLY D 66 -29.74 -11.21 -22.46
N ARG D 67 -30.09 -12.23 -21.67
CA ARG D 67 -31.48 -12.61 -21.47
C ARG D 67 -31.95 -12.47 -20.04
N PHE D 68 -31.04 -12.52 -19.06
CA PHE D 68 -31.42 -12.50 -17.66
C PHE D 68 -30.89 -11.23 -17.02
N THR D 69 -31.71 -10.62 -16.15
CA THR D 69 -31.37 -9.39 -15.46
C THR D 69 -31.42 -9.64 -13.96
N ILE D 70 -30.31 -9.35 -13.29
CA ILE D 70 -30.21 -9.49 -11.84
C ILE D 70 -30.17 -8.10 -11.22
N SER D 71 -30.99 -7.88 -10.19
CA SER D 71 -31.10 -6.56 -9.58
C SER D 71 -31.26 -6.72 -8.08
N ARG D 72 -31.00 -5.62 -7.37
CA ARG D 72 -31.09 -5.59 -5.91
C ARG D 72 -31.96 -4.42 -5.47
N ASP D 73 -32.58 -4.60 -4.31
CA ASP D 73 -33.33 -3.53 -3.64
C ASP D 73 -32.94 -3.59 -2.17
N ASN D 74 -31.92 -2.82 -1.80
CA ASN D 74 -31.34 -2.94 -0.46
C ASN D 74 -32.30 -2.47 0.63
N SER D 75 -33.30 -1.66 0.28
CA SER D 75 -34.22 -1.13 1.28
C SER D 75 -35.05 -2.24 1.92
N LYS D 76 -35.58 -3.17 1.12
CA LYS D 76 -36.45 -4.23 1.61
C LYS D 76 -35.77 -5.60 1.64
N LYS D 77 -34.43 -5.64 1.62
CA LYS D 77 -33.67 -6.87 1.84
C LYS D 77 -34.07 -7.96 0.85
N THR D 78 -34.33 -7.57 -0.40
CA THR D 78 -34.86 -8.48 -1.39
C THR D 78 -33.99 -8.48 -2.64
N LEU D 79 -33.69 -9.68 -3.15
CA LEU D 79 -32.92 -9.86 -4.37
C LEU D 79 -33.83 -10.34 -5.50
N PHE D 80 -33.68 -9.75 -6.68
CA PHE D 80 -34.51 -10.09 -7.82
C PHE D 80 -33.67 -10.70 -8.93
N LEU D 81 -34.35 -11.40 -9.84
CA LEU D 81 -33.79 -11.84 -11.12
C LEU D 81 -34.90 -11.77 -12.15
N ARG D 82 -34.84 -10.78 -13.04
CA ARG D 82 -35.83 -10.65 -14.10
C ARG D 82 -35.47 -11.63 -15.21
N MET D 83 -36.43 -12.46 -15.59
CA MET D 83 -36.21 -13.58 -16.52
C MET D 83 -36.99 -13.29 -17.80
N ASN D 84 -36.28 -13.19 -18.91
CA ASN D 84 -36.90 -12.87 -20.18
C ASN D 84 -36.58 -13.92 -21.23
N SER D 85 -37.56 -14.19 -22.09
CA SER D 85 -37.44 -15.15 -23.19
C SER D 85 -37.00 -16.52 -22.69
N LEU D 86 -37.81 -17.09 -21.82
CA LEU D 86 -37.52 -18.41 -21.27
C LEU D 86 -37.68 -19.49 -22.32
N ARG D 87 -36.86 -20.54 -22.21
CA ARG D 87 -36.87 -21.67 -23.13
C ARG D 87 -36.94 -22.97 -22.35
N ALA D 88 -37.13 -24.07 -23.07
CA ALA D 88 -37.32 -25.36 -22.42
C ALA D 88 -36.10 -25.79 -21.63
N GLU D 89 -34.89 -25.43 -22.08
CA GLU D 89 -33.68 -25.84 -21.39
C GLU D 89 -33.47 -25.09 -20.07
N ASP D 90 -34.24 -24.04 -19.81
CA ASP D 90 -34.08 -23.25 -18.59
C ASP D 90 -34.84 -23.82 -17.40
N THR D 91 -35.56 -24.91 -17.58
CA THR D 91 -36.32 -25.49 -16.47
C THR D 91 -35.37 -26.17 -15.49
N ALA D 92 -35.33 -25.66 -14.27
CA ALA D 92 -34.43 -26.17 -13.23
C ALA D 92 -34.86 -25.57 -11.90
N VAL D 93 -34.27 -26.09 -10.82
CA VAL D 93 -34.50 -25.56 -9.48
C VAL D 93 -33.50 -24.44 -9.22
N TYR D 94 -34.01 -23.23 -9.00
CA TYR D 94 -33.18 -22.05 -8.83
C TYR D 94 -32.99 -21.75 -7.36
N TYR D 95 -31.75 -21.43 -6.97
CA TYR D 95 -31.39 -21.21 -5.58
C TYR D 95 -30.88 -19.79 -5.39
N CYS D 96 -31.26 -19.19 -4.27
CA CYS D 96 -30.61 -17.97 -3.82
C CYS D 96 -29.38 -18.33 -3.00
N ALA D 97 -28.35 -17.48 -3.07
CA ALA D 97 -27.08 -17.83 -2.48
C ALA D 97 -26.43 -16.62 -1.84
N LYS D 98 -25.59 -16.87 -0.83
CA LYS D 98 -24.96 -15.83 -0.02
C LYS D 98 -23.44 -15.91 -0.13
N VAL D 99 -22.83 -14.75 -0.35
CA VAL D 99 -21.37 -14.65 -0.48
C VAL D 99 -20.73 -14.80 0.89
N HIS D 100 -19.63 -15.55 0.94
CA HIS D 100 -18.87 -15.69 2.17
C HIS D 100 -18.12 -14.41 2.49
N ASP D 101 -17.72 -14.28 3.76
CA ASP D 101 -16.98 -13.10 4.19
C ASP D 101 -15.55 -13.12 3.65
N ASP D 102 -14.88 -14.27 3.72
CA ASP D 102 -13.45 -14.34 3.41
C ASP D 102 -13.22 -14.41 1.90
N GLU D 103 -13.70 -15.47 1.27
CA GLU D 103 -13.54 -15.58 -0.17
C GLU D 103 -14.90 -15.53 -0.86
N PRO D 104 -14.97 -15.06 -2.11
CA PRO D 104 -16.28 -14.94 -2.79
C PRO D 104 -16.87 -16.29 -3.17
N THR D 105 -17.03 -17.16 -2.17
CA THR D 105 -17.71 -18.43 -2.37
C THR D 105 -19.17 -18.27 -1.93
N GLN D 106 -19.92 -19.37 -1.90
CA GLN D 106 -21.33 -19.35 -1.51
C GLN D 106 -21.52 -20.23 -0.28
N ASP D 107 -22.11 -19.66 0.77
CA ASP D 107 -22.26 -20.37 2.03
C ASP D 107 -23.66 -20.96 2.23
N TYR D 108 -24.68 -20.10 2.22
CA TYR D 108 -26.02 -20.48 2.64
C TYR D 108 -26.96 -20.37 1.45
N TRP D 109 -27.65 -21.47 1.14
CA TRP D 109 -28.60 -21.52 0.03
C TRP D 109 -30.01 -21.64 0.59
N GLY D 110 -30.91 -20.83 0.02
CA GLY D 110 -32.32 -20.97 0.35
C GLY D 110 -32.91 -22.22 -0.29
N GLN D 111 -34.12 -22.59 0.12
CA GLN D 111 -34.75 -23.80 -0.39
C GLN D 111 -35.02 -23.75 -1.89
N GLY D 112 -35.26 -22.57 -2.46
CA GLY D 112 -35.38 -22.42 -3.89
C GLY D 112 -36.75 -22.80 -4.41
N THR D 113 -37.00 -22.41 -5.66
CA THR D 113 -38.24 -22.68 -6.35
C THR D 113 -37.96 -23.44 -7.63
N LEU D 114 -38.98 -24.16 -8.10
CA LEU D 114 -38.90 -24.89 -9.36
C LEU D 114 -39.62 -24.11 -10.45
N VAL D 115 -38.91 -23.83 -11.54
CA VAL D 115 -39.46 -23.11 -12.68
C VAL D 115 -39.58 -24.09 -13.83
N THR D 116 -40.76 -24.17 -14.43
CA THR D 116 -41.04 -25.10 -15.50
C THR D 116 -41.57 -24.34 -16.71
N VAL D 117 -41.29 -24.88 -17.89
CA VAL D 117 -41.72 -24.27 -19.14
C VAL D 117 -42.73 -25.16 -19.85
N ASP E 1 -14.18 -21.15 -19.47
CA ASP E 1 -14.43 -21.43 -18.06
C ASP E 1 -13.68 -22.66 -17.57
N ILE E 2 -13.73 -22.89 -16.26
CA ILE E 2 -13.00 -24.02 -15.69
C ILE E 2 -13.86 -25.28 -15.76
N GLN E 3 -13.23 -26.38 -16.18
CA GLN E 3 -13.90 -27.66 -16.39
C GLN E 3 -13.67 -28.53 -15.17
N MET E 4 -14.76 -29.02 -14.59
CA MET E 4 -14.73 -29.71 -13.30
C MET E 4 -15.17 -31.17 -13.45
N THR E 5 -14.38 -32.08 -12.88
CA THR E 5 -14.67 -33.50 -12.98
C THR E 5 -14.40 -34.18 -11.64
N GLN E 6 -15.29 -35.10 -11.26
CA GLN E 6 -15.15 -35.87 -10.04
C GLN E 6 -15.13 -37.36 -10.36
N SER E 7 -14.45 -38.13 -9.50
CA SER E 7 -14.37 -39.57 -9.64
C SER E 7 -14.15 -40.18 -8.26
N PRO E 8 -14.87 -41.26 -7.91
CA PRO E 8 -15.92 -41.93 -8.68
C PRO E 8 -17.25 -41.18 -8.60
N SER E 9 -18.17 -41.41 -9.54
CA SER E 9 -19.45 -40.71 -9.51
C SER E 9 -20.40 -41.34 -8.49
N THR E 10 -20.10 -42.54 -8.01
CA THR E 10 -20.92 -43.22 -7.02
C THR E 10 -20.04 -44.14 -6.19
N LEU E 11 -20.21 -44.10 -4.88
CA LEU E 11 -19.42 -44.91 -3.96
C LEU E 11 -20.35 -45.56 -2.94
N SER E 12 -19.98 -46.75 -2.47
CA SER E 12 -20.73 -47.48 -1.47
C SER E 12 -19.87 -47.71 -0.24
N ALA E 13 -20.44 -47.45 0.94
CA ALA E 13 -19.71 -47.63 2.18
C ALA E 13 -20.71 -47.82 3.32
N SER E 14 -20.20 -48.33 4.44
CA SER E 14 -21.00 -48.53 5.64
C SER E 14 -20.72 -47.43 6.66
N VAL E 15 -21.42 -47.50 7.79
CA VAL E 15 -21.20 -46.56 8.88
C VAL E 15 -19.84 -46.84 9.51
N GLY E 16 -19.20 -45.79 10.02
CA GLY E 16 -17.89 -45.91 10.63
C GLY E 16 -16.75 -46.12 9.66
N ASP E 17 -17.00 -46.02 8.36
CA ASP E 17 -15.99 -46.27 7.35
C ASP E 17 -15.19 -45.00 7.07
N ARG E 18 -14.26 -45.11 6.11
CA ARG E 18 -13.37 -44.02 5.74
C ARG E 18 -13.39 -43.88 4.23
N VAL E 19 -13.79 -42.71 3.74
CA VAL E 19 -14.11 -42.49 2.33
C VAL E 19 -13.39 -41.25 1.82
N THR E 20 -12.91 -41.33 0.57
CA THR E 20 -12.33 -40.19 -0.13
C THR E 20 -13.08 -39.94 -1.43
N ILE E 21 -13.07 -38.68 -1.86
CA ILE E 21 -13.62 -38.26 -3.13
C ILE E 21 -12.59 -37.40 -3.84
N THR E 22 -12.32 -37.72 -5.10
CA THR E 22 -11.32 -37.01 -5.90
C THR E 22 -11.99 -35.99 -6.80
N CYS E 23 -11.49 -34.75 -6.76
CA CYS E 23 -11.98 -33.68 -7.60
C CYS E 23 -10.85 -33.24 -8.52
N ARG E 24 -10.97 -33.57 -9.80
CA ARG E 24 -9.95 -33.26 -10.80
C ARG E 24 -10.47 -32.23 -11.78
N ALA E 25 -9.64 -31.22 -12.07
CA ALA E 25 -10.01 -30.15 -12.97
C ALA E 25 -8.79 -29.65 -13.72
N SER E 26 -9.04 -29.09 -14.91
CA SER E 26 -8.01 -28.34 -15.61
C SER E 26 -7.91 -26.94 -15.02
N GLN E 27 -7.13 -26.08 -15.68
CA GLN E 27 -6.98 -24.69 -15.28
C GLN E 27 -6.46 -24.60 -13.83
N GLY E 28 -5.21 -25.06 -13.67
CA GLY E 28 -4.57 -25.17 -12.36
C GLY E 28 -4.84 -24.03 -11.40
N ILE E 29 -5.26 -24.36 -10.18
CA ILE E 29 -5.68 -23.37 -9.20
C ILE E 29 -4.81 -23.40 -7.95
N SER E 30 -4.78 -24.56 -7.26
CA SER E 30 -3.95 -24.83 -6.09
C SER E 30 -4.44 -24.11 -4.84
N THR E 31 -5.39 -23.20 -4.98
CA THR E 31 -5.85 -22.43 -3.81
C THR E 31 -7.34 -22.59 -3.53
N SER E 32 -8.16 -22.35 -4.56
CA SER E 32 -9.58 -22.06 -4.35
C SER E 32 -10.45 -23.15 -4.98
N LEU E 33 -10.80 -24.15 -4.17
CA LEU E 33 -11.79 -25.15 -4.57
C LEU E 33 -12.60 -25.54 -3.34
N ALA E 34 -13.91 -25.72 -3.51
CA ALA E 34 -14.81 -25.97 -2.39
C ALA E 34 -15.22 -27.43 -2.23
N TRP E 35 -16.07 -27.67 -1.26
CA TRP E 35 -16.74 -28.96 -1.07
C TRP E 35 -18.15 -28.66 -0.55
N TYR E 36 -19.07 -29.58 -0.81
CA TYR E 36 -20.46 -29.29 -0.52
C TYR E 36 -21.16 -30.58 -0.11
N GLN E 37 -22.46 -30.45 0.18
CA GLN E 37 -23.32 -31.56 0.55
C GLN E 37 -24.74 -31.17 0.22
N GLN E 38 -25.50 -32.12 -0.35
CA GLN E 38 -26.88 -31.86 -0.74
C GLN E 38 -27.71 -33.10 -0.43
N LYS E 39 -28.48 -33.03 0.64
CA LYS E 39 -29.48 -34.06 0.90
C LYS E 39 -30.55 -33.99 -0.18
N PRO E 40 -31.19 -35.11 -0.51
CA PRO E 40 -32.16 -35.09 -1.62
C PRO E 40 -33.37 -34.24 -1.27
N GLY E 41 -33.61 -33.22 -2.11
CA GLY E 41 -34.66 -32.25 -1.86
C GLY E 41 -34.27 -31.08 -0.99
N LYS E 42 -33.02 -31.01 -0.55
CA LYS E 42 -32.55 -29.96 0.33
C LYS E 42 -31.56 -29.05 -0.40
N ALA E 43 -31.45 -27.82 0.07
CA ALA E 43 -30.49 -26.89 -0.47
C ALA E 43 -29.07 -27.29 -0.04
N PRO E 44 -28.09 -27.07 -0.90
CA PRO E 44 -26.70 -27.40 -0.53
C PRO E 44 -26.18 -26.49 0.56
N LYS E 45 -25.20 -27.02 1.31
CA LYS E 45 -24.56 -26.27 2.38
C LYS E 45 -23.05 -26.44 2.23
N LEU E 46 -22.32 -25.39 2.60
CA LEU E 46 -20.86 -25.42 2.46
C LEU E 46 -20.24 -26.34 3.52
N LEU E 47 -19.20 -27.06 3.10
CA LEU E 47 -18.44 -27.92 4.00
C LEU E 47 -16.98 -27.52 4.14
N ILE E 48 -16.25 -27.29 3.05
CA ILE E 48 -14.84 -26.93 3.13
C ILE E 48 -14.59 -25.78 2.16
N TYR E 49 -13.99 -24.71 2.65
CA TYR E 49 -13.59 -23.58 1.83
C TYR E 49 -12.08 -23.37 1.93
N LYS E 50 -11.51 -22.79 0.86
CA LYS E 50 -10.08 -22.74 0.65
C LYS E 50 -9.48 -24.13 0.55
N ALA E 51 -10.34 -25.14 0.34
CA ALA E 51 -9.94 -26.53 0.11
C ALA E 51 -9.20 -27.13 1.29
N SER E 52 -9.03 -26.39 2.38
CA SER E 52 -8.31 -26.90 3.53
C SER E 52 -9.00 -26.52 4.84
N SER E 53 -9.92 -25.57 4.78
CA SER E 53 -10.53 -25.03 5.99
C SER E 53 -12.02 -25.34 6.05
N LEU E 54 -12.48 -25.68 7.25
CA LEU E 54 -13.88 -26.03 7.47
C LEU E 54 -14.71 -24.78 7.73
N GLU E 55 -15.97 -24.84 7.33
CA GLU E 55 -16.94 -23.81 7.70
C GLU E 55 -17.49 -24.10 9.09
N SER E 56 -17.84 -23.04 9.81
CA SER E 56 -18.38 -23.19 11.16
C SER E 56 -19.63 -24.06 11.15
N GLY E 57 -19.67 -25.00 12.09
CA GLY E 57 -20.75 -25.97 12.16
C GLY E 57 -20.44 -27.31 11.52
N VAL E 58 -19.36 -27.39 10.73
CA VAL E 58 -18.95 -28.65 10.11
C VAL E 58 -18.05 -29.40 11.09
N PRO E 59 -18.36 -30.66 11.40
CA PRO E 59 -17.54 -31.40 12.37
C PRO E 59 -16.14 -31.66 11.85
N SER E 60 -15.25 -32.03 12.77
CA SER E 60 -13.85 -32.24 12.44
C SER E 60 -13.62 -33.47 11.57
N ARG E 61 -14.64 -34.32 11.41
CA ARG E 61 -14.49 -35.52 10.57
C ARG E 61 -14.18 -35.18 9.12
N PHE E 62 -14.64 -34.03 8.64
CA PHE E 62 -14.44 -33.62 7.26
C PHE E 62 -13.08 -32.96 7.11
N SER E 63 -12.36 -33.31 6.04
CA SER E 63 -11.04 -32.75 5.79
C SER E 63 -10.76 -32.79 4.29
N GLY E 64 -10.11 -31.75 3.79
CA GLY E 64 -9.76 -31.66 2.38
C GLY E 64 -8.36 -31.11 2.21
N SER E 65 -7.71 -31.55 1.13
CA SER E 65 -6.36 -31.13 0.82
C SER E 65 -6.11 -31.31 -0.66
N GLY E 66 -5.08 -30.66 -1.15
CA GLY E 66 -4.68 -30.78 -2.54
C GLY E 66 -4.13 -29.48 -3.07
N SER E 67 -3.43 -29.59 -4.20
CA SER E 67 -2.85 -28.44 -4.88
C SER E 67 -2.72 -28.77 -6.36
N GLY E 68 -2.52 -27.74 -7.17
CA GLY E 68 -2.40 -27.95 -8.59
C GLY E 68 -3.75 -28.30 -9.19
N THR E 69 -3.82 -29.50 -9.78
CA THR E 69 -5.06 -30.00 -10.36
C THR E 69 -5.59 -31.23 -9.63
N GLU E 70 -4.97 -31.62 -8.52
CA GLU E 70 -5.36 -32.80 -7.76
C GLU E 70 -5.93 -32.34 -6.42
N PHE E 71 -7.23 -32.50 -6.25
CA PHE E 71 -7.92 -32.11 -5.02
C PHE E 71 -8.78 -33.26 -4.54
N THR E 72 -8.80 -33.46 -3.23
CA THR E 72 -9.50 -34.59 -2.63
C THR E 72 -10.22 -34.16 -1.36
N LEU E 73 -11.25 -34.92 -1.01
CA LEU E 73 -12.01 -34.76 0.23
C LEU E 73 -11.87 -36.03 1.06
N THR E 74 -11.51 -35.87 2.32
CA THR E 74 -11.33 -37.00 3.23
C THR E 74 -12.43 -36.98 4.29
N ILE E 75 -13.14 -38.10 4.42
CA ILE E 75 -14.20 -38.25 5.41
C ILE E 75 -13.86 -39.44 6.28
N THR E 76 -13.64 -39.20 7.57
CA THR E 76 -13.32 -40.24 8.53
C THR E 76 -14.47 -40.46 9.49
N SER E 77 -14.62 -41.72 9.92
CA SER E 77 -15.70 -42.13 10.82
C SER E 77 -17.06 -41.74 10.24
N LEU E 78 -17.38 -42.34 9.09
CA LEU E 78 -18.59 -41.99 8.35
C LEU E 78 -19.82 -42.19 9.23
N GLN E 79 -20.72 -41.22 9.20
CA GLN E 79 -21.91 -41.21 10.03
C GLN E 79 -23.17 -41.14 9.17
N PRO E 80 -24.31 -41.60 9.68
CA PRO E 80 -25.52 -41.69 8.84
C PRO E 80 -25.98 -40.36 8.27
N GLU E 81 -25.71 -39.25 8.95
CA GLU E 81 -26.17 -37.95 8.47
C GLU E 81 -25.32 -37.39 7.33
N ASP E 82 -24.25 -38.09 6.94
CA ASP E 82 -23.36 -37.64 5.89
C ASP E 82 -23.71 -38.19 4.51
N PHE E 83 -24.71 -39.07 4.43
CA PHE E 83 -25.05 -39.75 3.18
C PHE E 83 -25.78 -38.78 2.26
N ALA E 84 -25.04 -38.14 1.37
CA ALA E 84 -25.62 -37.21 0.40
C ALA E 84 -24.69 -37.13 -0.81
N THR E 85 -24.99 -36.19 -1.70
CA THR E 85 -24.22 -35.98 -2.92
C THR E 85 -23.28 -34.79 -2.71
N TYR E 86 -21.99 -35.07 -2.60
CA TYR E 86 -20.98 -34.04 -2.38
C TYR E 86 -20.56 -33.47 -3.73
N TYR E 87 -20.70 -32.16 -3.90
CA TYR E 87 -20.36 -31.52 -5.15
C TYR E 87 -18.97 -30.88 -5.07
N CYS E 88 -18.58 -30.16 -6.11
CA CYS E 88 -17.28 -29.50 -6.17
C CYS E 88 -17.43 -28.15 -6.85
N GLN E 89 -16.56 -27.21 -6.50
CA GLN E 89 -16.62 -25.86 -7.03
C GLN E 89 -15.24 -25.22 -6.96
N GLN E 90 -15.04 -24.20 -7.79
CA GLN E 90 -13.83 -23.39 -7.80
C GLN E 90 -14.21 -21.94 -8.09
N TYR E 91 -13.31 -21.00 -7.80
CA TYR E 91 -13.63 -19.59 -7.95
C TYR E 91 -12.60 -18.81 -8.76
N LYS E 92 -11.47 -19.42 -9.12
CA LYS E 92 -10.37 -18.66 -9.72
C LYS E 92 -10.83 -17.97 -11.02
N ARG E 93 -11.83 -18.54 -11.68
CA ARG E 93 -12.51 -17.90 -12.80
C ARG E 93 -14.01 -17.99 -12.57
N TYR E 94 -14.78 -17.70 -13.63
CA TYR E 94 -16.23 -17.84 -13.59
C TYR E 94 -16.62 -19.17 -12.98
N TRP E 95 -17.54 -19.16 -12.00
CA TRP E 95 -17.83 -20.35 -11.22
C TRP E 95 -18.46 -21.44 -12.08
N THR E 96 -18.01 -22.67 -11.90
CA THR E 96 -18.58 -23.84 -12.55
C THR E 96 -18.57 -24.99 -11.55
N PHE E 97 -19.63 -25.77 -11.54
CA PHE E 97 -19.79 -26.87 -10.59
C PHE E 97 -19.49 -28.20 -11.28
N GLY E 98 -19.21 -29.21 -10.45
CA GLY E 98 -18.93 -30.54 -10.93
C GLY E 98 -20.19 -31.31 -11.25
N GLN E 99 -20.00 -32.59 -11.61
CA GLN E 99 -21.12 -33.46 -11.96
C GLN E 99 -21.80 -34.08 -10.76
N GLY E 100 -21.10 -34.29 -9.65
CA GLY E 100 -21.71 -34.80 -8.45
C GLY E 100 -21.48 -36.27 -8.18
N THR E 101 -21.05 -36.59 -6.96
CA THR E 101 -20.84 -37.96 -6.53
C THR E 101 -21.70 -38.25 -5.30
N LYS E 102 -22.32 -39.42 -5.30
CA LYS E 102 -23.24 -39.83 -4.25
C LYS E 102 -22.68 -41.03 -3.49
N VAL E 103 -22.73 -40.95 -2.16
CA VAL E 103 -22.28 -42.03 -1.29
C VAL E 103 -23.50 -42.82 -0.85
N GLU E 104 -23.44 -44.14 -0.98
CA GLU E 104 -24.57 -45.01 -0.72
C GLU E 104 -24.26 -45.98 0.43
N ILE E 105 -25.28 -46.75 0.80
CA ILE E 105 -25.14 -47.77 1.86
C ILE E 105 -24.66 -49.07 1.24
N LYS E 106 -23.63 -49.65 1.84
CA LYS E 106 -23.12 -50.94 1.38
C LYS E 106 -23.81 -52.09 2.11
N GLN F 1 -10.73 14.05 29.07
CA GLN F 1 -11.88 14.92 29.25
C GLN F 1 -12.73 14.94 27.99
N VAL F 2 -13.09 13.76 27.49
CA VAL F 2 -13.94 13.65 26.32
C VAL F 2 -15.39 13.68 26.77
N GLN F 3 -16.06 14.81 26.55
CA GLN F 3 -17.44 15.02 26.98
C GLN F 3 -18.35 14.96 25.77
N LEU F 4 -19.38 14.12 25.85
CA LEU F 4 -20.37 13.97 24.79
C LEU F 4 -21.75 14.11 25.39
N VAL F 5 -22.59 14.92 24.75
CA VAL F 5 -23.96 15.13 25.19
C VAL F 5 -24.88 14.95 23.98
N GLU F 6 -26.08 14.44 24.23
CA GLU F 6 -27.07 14.18 23.20
C GLU F 6 -28.38 14.86 23.56
N SER F 7 -29.13 15.29 22.54
CA SER F 7 -30.42 15.92 22.76
C SER F 7 -31.44 15.42 21.75
N GLY F 8 -32.60 16.04 21.72
CA GLY F 8 -33.63 15.70 20.75
C GLY F 8 -34.47 14.48 21.09
N GLY F 9 -34.28 13.88 22.26
CA GLY F 9 -35.05 12.72 22.64
C GLY F 9 -36.48 13.09 23.01
N GLY F 10 -37.27 12.06 23.30
CA GLY F 10 -38.65 12.23 23.69
C GLY F 10 -39.54 11.21 23.01
N VAL F 11 -40.79 11.59 22.80
CA VAL F 11 -41.83 10.71 22.26
C VAL F 11 -42.24 11.23 20.89
N VAL F 12 -42.66 10.31 20.02
CA VAL F 12 -43.19 10.65 18.71
C VAL F 12 -44.09 9.51 18.23
N GLN F 13 -45.13 9.86 17.49
CA GLN F 13 -46.06 8.87 16.97
C GLN F 13 -45.39 8.02 15.89
N PRO F 14 -45.85 6.78 15.72
CA PRO F 14 -45.29 5.93 14.66
C PRO F 14 -45.50 6.54 13.28
N GLY F 15 -44.50 6.36 12.41
CA GLY F 15 -44.53 6.92 11.08
C GLY F 15 -44.01 8.35 10.98
N GLY F 16 -43.70 8.99 12.10
CA GLY F 16 -43.15 10.33 12.09
C GLY F 16 -41.64 10.33 11.90
N SER F 17 -41.09 11.54 11.89
CA SER F 17 -39.66 11.77 11.76
C SER F 17 -39.16 12.60 12.93
N LEU F 18 -37.99 12.20 13.46
CA LEU F 18 -37.38 12.88 14.58
C LEU F 18 -35.88 13.05 14.30
N ARG F 19 -35.30 14.09 14.87
CA ARG F 19 -33.95 14.55 14.55
C ARG F 19 -33.12 14.63 15.83
N LEU F 20 -32.11 13.78 15.94
CA LEU F 20 -31.21 13.78 17.08
C LEU F 20 -30.00 14.66 16.82
N SER F 21 -29.19 14.85 17.87
CA SER F 21 -27.94 15.59 17.77
C SER F 21 -26.99 15.11 18.85
N CYS F 22 -25.69 15.34 18.63
CA CYS F 22 -24.64 14.93 19.57
C CYS F 22 -23.53 15.98 19.53
N ALA F 23 -23.57 16.89 20.49
CA ALA F 23 -22.49 17.86 20.65
C ALA F 23 -21.27 17.18 21.27
N ALA F 24 -20.09 17.55 20.80
CA ALA F 24 -18.84 16.96 21.23
C ALA F 24 -17.89 18.04 21.71
N SER F 25 -17.02 17.67 22.65
CA SER F 25 -16.04 18.59 23.20
C SER F 25 -14.90 17.83 23.88
N GLY F 26 -13.75 18.48 24.05
CA GLY F 26 -12.60 17.87 24.68
C GLY F 26 -11.73 17.05 23.77
N PHE F 27 -12.05 16.96 22.49
CA PHE F 27 -11.24 16.21 21.54
C PHE F 27 -11.44 16.81 20.16
N THR F 28 -10.51 16.50 19.25
CA THR F 28 -10.58 17.04 17.89
C THR F 28 -11.68 16.35 17.11
N PHE F 29 -12.89 16.90 17.17
CA PHE F 29 -14.04 16.25 16.55
C PHE F 29 -13.88 16.12 15.05
N SER F 30 -13.35 17.17 14.40
CA SER F 30 -13.23 17.17 12.94
C SER F 30 -12.29 16.11 12.42
N GLY F 31 -11.44 15.55 13.26
CA GLY F 31 -10.50 14.51 12.85
C GLY F 31 -10.81 13.12 13.32
N TYR F 32 -12.06 12.81 13.66
CA TYR F 32 -12.44 11.51 14.18
C TYR F 32 -13.74 11.04 13.54
N GLY F 33 -13.88 9.73 13.40
CA GLY F 33 -15.12 9.13 12.96
C GLY F 33 -16.11 8.99 14.11
N MET F 34 -17.38 8.90 13.77
CA MET F 34 -18.45 8.84 14.75
C MET F 34 -19.22 7.54 14.61
N HIS F 35 -20.21 7.37 15.50
CA HIS F 35 -21.11 6.22 15.48
C HIS F 35 -22.45 6.60 16.10
N TRP F 36 -23.39 5.67 16.01
CA TRP F 36 -24.61 5.68 16.79
C TRP F 36 -24.92 4.25 17.20
N VAL F 37 -25.05 4.03 18.50
CA VAL F 37 -25.31 2.71 19.06
C VAL F 37 -26.50 2.82 19.99
N ARG F 38 -27.46 1.90 19.85
CA ARG F 38 -28.69 1.95 20.64
C ARG F 38 -28.83 0.69 21.46
N GLN F 39 -29.49 0.83 22.61
CA GLN F 39 -29.76 -0.26 23.54
C GLN F 39 -31.21 -0.21 23.95
N VAL F 40 -31.95 -1.28 23.68
CA VAL F 40 -33.30 -1.43 24.23
C VAL F 40 -33.17 -1.76 25.72
N PRO F 41 -33.89 -1.06 26.60
CA PRO F 41 -33.74 -1.32 28.04
C PRO F 41 -34.02 -2.77 28.37
N GLY F 42 -33.15 -3.35 29.20
CA GLY F 42 -33.23 -4.75 29.55
C GLY F 42 -32.58 -5.70 28.56
N LYS F 43 -32.06 -5.18 27.44
CA LYS F 43 -31.43 -5.98 26.40
C LYS F 43 -30.03 -5.43 26.12
N GLY F 44 -29.30 -6.13 25.25
CA GLY F 44 -28.02 -5.66 24.78
C GLY F 44 -28.19 -4.62 23.70
N LEU F 45 -27.06 -4.07 23.26
CA LEU F 45 -27.07 -3.03 22.25
C LEU F 45 -26.96 -3.63 20.86
N GLU F 46 -27.21 -2.79 19.85
CA GLU F 46 -27.03 -3.14 18.46
C GLU F 46 -26.57 -1.91 17.70
N TRP F 47 -25.59 -2.12 16.83
CA TRP F 47 -25.03 -1.02 16.04
C TRP F 47 -26.09 -0.46 15.09
N VAL F 48 -25.96 0.82 14.77
CA VAL F 48 -26.93 1.52 13.93
C VAL F 48 -26.26 2.15 12.70
N ALA F 49 -25.22 2.95 12.92
CA ALA F 49 -24.61 3.67 11.81
C ALA F 49 -23.18 4.04 12.14
N ILE F 50 -22.43 4.42 11.10
CA ILE F 50 -21.08 4.94 11.22
C ILE F 50 -20.87 5.97 10.12
N ILE F 51 -20.11 7.01 10.43
CA ILE F 51 -19.78 8.05 9.46
C ILE F 51 -18.28 8.27 9.49
N TRP F 52 -17.67 8.33 8.32
CA TRP F 52 -16.23 8.58 8.22
C TRP F 52 -15.93 10.00 8.69
N PHE F 53 -14.65 10.24 9.02
CA PHE F 53 -14.26 11.52 9.62
C PHE F 53 -14.57 12.68 8.70
N ASP F 54 -14.29 12.53 7.40
CA ASP F 54 -14.57 13.60 6.45
C ASP F 54 -16.02 13.61 6.00
N GLY F 55 -16.73 12.50 6.13
CA GLY F 55 -18.12 12.40 5.72
C GLY F 55 -18.36 11.74 4.39
N SER F 56 -17.31 11.21 3.75
CA SER F 56 -17.49 10.56 2.45
C SER F 56 -18.24 9.24 2.59
N GLN F 57 -17.83 8.41 3.53
CA GLN F 57 -18.39 7.07 3.69
C GLN F 57 -19.39 7.05 4.84
N LYS F 58 -20.36 6.13 4.75
CA LYS F 58 -21.32 5.91 5.82
C LYS F 58 -22.03 4.57 5.62
N TYR F 59 -22.17 3.80 6.69
CA TYR F 59 -22.82 2.50 6.65
C TYR F 59 -24.04 2.51 7.57
N TYR F 60 -24.81 1.42 7.51
CA TYR F 60 -25.99 1.29 8.34
C TYR F 60 -26.22 -0.18 8.66
N ALA F 61 -26.98 -0.42 9.72
CA ALA F 61 -27.40 -1.78 10.04
C ALA F 61 -28.53 -2.21 9.11
N ASP F 62 -28.72 -3.52 9.00
CA ASP F 62 -29.73 -4.05 8.08
C ASP F 62 -31.15 -3.65 8.49
N SER F 63 -31.42 -3.58 9.79
CA SER F 63 -32.75 -3.23 10.25
C SER F 63 -33.07 -1.75 10.06
N VAL F 64 -32.07 -0.92 9.81
CA VAL F 64 -32.26 0.52 9.69
C VAL F 64 -31.82 1.05 8.32
N GLN F 65 -31.43 0.17 7.42
CA GLN F 65 -30.95 0.59 6.11
C GLN F 65 -32.06 1.32 5.33
N GLY F 66 -31.72 2.48 4.80
CA GLY F 66 -32.63 3.24 3.97
C GLY F 66 -33.59 4.14 4.72
N ARG F 67 -33.78 3.93 6.02
CA ARG F 67 -34.67 4.76 6.83
C ARG F 67 -33.95 5.78 7.67
N PHE F 68 -32.70 5.53 8.04
CA PHE F 68 -31.92 6.42 8.90
C PHE F 68 -30.89 7.16 8.08
N THR F 69 -30.64 8.41 8.44
CA THR F 69 -29.65 9.26 7.79
C THR F 69 -28.70 9.81 8.83
N ILE F 70 -27.39 9.63 8.59
CA ILE F 70 -26.36 10.09 9.51
C ILE F 70 -25.55 11.18 8.80
N SER F 71 -25.29 12.28 9.49
CA SER F 71 -24.62 13.41 8.90
C SER F 71 -23.75 14.08 9.96
N ARG F 72 -22.82 14.92 9.50
CA ARG F 72 -21.88 15.59 10.37
C ARG F 72 -21.81 17.08 10.06
N ASP F 73 -21.19 17.82 10.97
CA ASP F 73 -20.90 19.24 10.78
C ASP F 73 -19.63 19.52 11.56
N ASN F 74 -18.48 19.51 10.87
CA ASN F 74 -17.19 19.63 11.55
C ASN F 74 -17.02 21.02 12.16
N SER F 75 -17.57 22.06 11.53
CA SER F 75 -17.39 23.41 12.03
C SER F 75 -18.03 23.59 13.40
N LYS F 76 -19.22 23.01 13.61
CA LYS F 76 -19.95 23.16 14.86
C LYS F 76 -19.73 22.01 15.83
N LYS F 77 -18.82 21.08 15.50
CA LYS F 77 -18.49 19.96 16.38
C LYS F 77 -19.74 19.19 16.81
N THR F 78 -20.63 18.92 15.86
CA THR F 78 -21.92 18.34 16.16
C THR F 78 -22.18 17.13 15.27
N LEU F 79 -22.71 16.06 15.85
CA LEU F 79 -23.15 14.88 15.11
C LEU F 79 -24.64 14.97 14.89
N PHE F 80 -25.16 14.15 13.98
CA PHE F 80 -26.60 14.13 13.72
C PHE F 80 -27.02 12.72 13.32
N LEU F 81 -28.33 12.48 13.40
CA LEU F 81 -28.91 11.22 12.95
C LEU F 81 -30.39 11.45 12.62
N ARG F 82 -30.69 11.51 11.33
CA ARG F 82 -32.05 11.76 10.86
C ARG F 82 -32.79 10.43 10.72
N MET F 83 -33.85 10.26 11.49
CA MET F 83 -34.70 9.07 11.41
C MET F 83 -36.03 9.46 10.79
N ASN F 84 -36.47 8.69 9.80
CA ASN F 84 -37.75 8.90 9.13
C ASN F 84 -38.56 7.61 9.13
N SER F 85 -39.88 7.78 9.18
CA SER F 85 -40.83 6.67 9.21
C SER F 85 -40.49 5.71 10.35
N LEU F 86 -40.31 6.27 11.54
CA LEU F 86 -39.91 5.48 12.69
C LEU F 86 -41.02 4.51 13.09
N ARG F 87 -40.63 3.29 13.45
CA ARG F 87 -41.58 2.24 13.80
C ARG F 87 -41.41 1.86 15.27
N ALA F 88 -42.37 1.05 15.75
CA ALA F 88 -42.47 0.78 17.18
C ALA F 88 -41.25 0.05 17.74
N GLU F 89 -40.69 -0.89 16.97
CA GLU F 89 -39.60 -1.70 17.48
C GLU F 89 -38.32 -0.91 17.72
N ASP F 90 -38.24 0.32 17.24
CA ASP F 90 -37.05 1.15 17.35
C ASP F 90 -36.92 1.85 18.70
N THR F 91 -37.88 1.67 19.60
CA THR F 91 -37.82 2.30 20.91
C THR F 91 -36.62 1.76 21.69
N ALA F 92 -35.68 2.65 22.02
CA ALA F 92 -34.47 2.26 22.73
C ALA F 92 -33.75 3.54 23.16
N VAL F 93 -32.63 3.34 23.86
CA VAL F 93 -31.77 4.45 24.28
C VAL F 93 -30.71 4.65 23.22
N TYR F 94 -30.58 5.88 22.73
CA TYR F 94 -29.69 6.20 21.62
C TYR F 94 -28.40 6.84 22.15
N TYR F 95 -27.26 6.22 21.85
CA TYR F 95 -25.97 6.67 22.35
C TYR F 95 -25.15 7.28 21.23
N CYS F 96 -24.39 8.31 21.59
CA CYS F 96 -23.33 8.82 20.71
C CYS F 96 -22.00 8.15 21.08
N ALA F 97 -21.13 8.00 20.09
CA ALA F 97 -19.89 7.26 20.32
C ALA F 97 -18.76 7.84 19.47
N LYS F 98 -17.53 7.56 19.89
CA LYS F 98 -16.34 8.03 19.21
C LYS F 98 -15.43 6.85 18.86
N VAL F 99 -14.89 6.89 17.64
CA VAL F 99 -13.95 5.87 17.19
C VAL F 99 -12.66 5.99 17.97
N HIS F 100 -12.07 4.85 18.32
CA HIS F 100 -10.81 4.84 19.03
C HIS F 100 -9.67 5.30 18.12
N ASP F 101 -8.52 5.59 18.74
CA ASP F 101 -7.37 6.06 17.97
C ASP F 101 -6.79 4.95 17.10
N ASP F 102 -6.31 3.87 17.72
CA ASP F 102 -5.61 2.81 17.00
C ASP F 102 -6.56 1.86 16.30
N GLU F 103 -7.42 1.20 17.06
CA GLU F 103 -8.26 0.15 16.51
C GLU F 103 -9.69 0.65 16.38
N PRO F 104 -10.35 0.45 15.23
CA PRO F 104 -11.65 1.12 14.97
C PRO F 104 -12.79 0.57 15.82
N THR F 105 -12.65 0.72 17.14
CA THR F 105 -13.71 0.36 18.08
C THR F 105 -14.41 1.62 18.56
N GLN F 106 -15.32 1.49 19.53
CA GLN F 106 -15.96 2.63 20.19
C GLN F 106 -15.44 2.71 21.61
N ASP F 107 -14.96 3.88 22.01
CA ASP F 107 -14.23 4.00 23.27
C ASP F 107 -15.01 4.79 24.34
N TYR F 108 -15.46 5.99 24.02
CA TYR F 108 -16.15 6.85 24.99
C TYR F 108 -17.57 7.13 24.50
N TRP F 109 -18.55 6.75 25.31
CA TRP F 109 -19.96 6.94 24.99
C TRP F 109 -20.55 8.09 25.79
N GLY F 110 -21.34 8.92 25.12
CA GLY F 110 -22.13 9.93 25.80
C GLY F 110 -23.30 9.29 26.52
N GLN F 111 -23.95 10.04 27.42
CA GLN F 111 -25.03 9.49 28.23
C GLN F 111 -26.24 9.09 27.40
N GLY F 112 -26.50 9.76 26.29
CA GLY F 112 -27.53 9.34 25.36
C GLY F 112 -28.92 9.77 25.76
N THR F 113 -29.80 9.83 24.76
CA THR F 113 -31.20 10.19 24.94
C THR F 113 -32.05 8.93 24.88
N LEU F 114 -33.29 9.05 25.35
CA LEU F 114 -34.25 7.96 25.32
C LEU F 114 -35.36 8.31 24.35
N VAL F 115 -35.66 7.41 23.43
CA VAL F 115 -36.68 7.62 22.40
C VAL F 115 -37.70 6.49 22.50
N THR F 116 -38.97 6.84 22.30
CA THR F 116 -40.07 5.89 22.32
C THR F 116 -40.98 6.15 21.12
N VAL F 117 -41.98 5.30 20.96
CA VAL F 117 -42.93 5.44 19.87
C VAL F 117 -44.36 5.57 20.41
N ASP G 1 -23.70 -11.99 9.10
CA ASP G 1 -22.78 -11.28 9.99
C ASP G 1 -22.32 -12.18 11.14
N ILE G 2 -21.45 -11.63 11.99
CA ILE G 2 -20.99 -12.41 13.13
C ILE G 2 -22.06 -12.37 14.23
N GLN G 3 -22.32 -13.54 14.82
CA GLN G 3 -23.26 -13.69 15.91
C GLN G 3 -22.48 -13.99 17.19
N MET G 4 -22.90 -13.38 18.29
CA MET G 4 -22.11 -13.39 19.51
C MET G 4 -22.85 -14.12 20.62
N THR G 5 -22.10 -14.80 21.48
CA THR G 5 -22.68 -15.55 22.60
C THR G 5 -21.81 -15.34 23.84
N GLN G 6 -22.47 -15.24 25.00
CA GLN G 6 -21.78 -15.15 26.28
C GLN G 6 -22.33 -16.21 27.23
N SER G 7 -21.52 -16.53 28.25
CA SER G 7 -21.91 -17.44 29.32
C SER G 7 -20.92 -17.27 30.47
N PRO G 8 -21.39 -17.27 31.73
CA PRO G 8 -22.78 -17.37 32.17
C PRO G 8 -23.53 -16.04 32.03
N SER G 9 -24.86 -16.09 31.83
CA SER G 9 -25.62 -14.86 31.71
C SER G 9 -25.71 -14.11 33.03
N THR G 10 -25.72 -14.83 34.15
CA THR G 10 -25.76 -14.23 35.48
C THR G 10 -24.85 -15.01 36.40
N LEU G 11 -24.00 -14.30 37.15
CA LEU G 11 -23.02 -14.93 38.03
C LEU G 11 -23.05 -14.23 39.38
N SER G 12 -22.91 -15.01 40.44
CA SER G 12 -22.85 -14.50 41.80
C SER G 12 -21.43 -14.62 42.33
N ALA G 13 -20.91 -13.53 42.90
CA ALA G 13 -19.55 -13.51 43.41
C ALA G 13 -19.47 -12.55 44.58
N SER G 14 -18.45 -12.75 45.41
CA SER G 14 -18.21 -11.90 46.56
C SER G 14 -17.07 -10.92 46.27
N VAL G 15 -16.85 -10.02 47.23
CA VAL G 15 -15.77 -9.04 47.11
C VAL G 15 -14.44 -9.74 47.30
N GLY G 16 -13.51 -9.49 46.39
CA GLY G 16 -12.22 -10.14 46.39
C GLY G 16 -12.17 -11.48 45.68
N ASP G 17 -13.29 -11.95 45.15
CA ASP G 17 -13.35 -13.22 44.44
C ASP G 17 -12.84 -13.03 43.00
N ARG G 18 -12.30 -14.11 42.43
CA ARG G 18 -11.75 -14.09 41.09
C ARG G 18 -12.66 -14.90 40.17
N VAL G 19 -13.17 -14.27 39.12
CA VAL G 19 -14.12 -14.91 38.22
C VAL G 19 -13.69 -14.68 36.77
N THR G 20 -14.17 -15.55 35.88
CA THR G 20 -13.95 -15.42 34.45
C THR G 20 -15.28 -15.44 33.72
N ILE G 21 -15.34 -14.73 32.60
CA ILE G 21 -16.54 -14.63 31.78
C ILE G 21 -16.18 -15.04 30.36
N THR G 22 -16.91 -16.03 29.83
CA THR G 22 -16.60 -16.63 28.54
C THR G 22 -17.35 -15.90 27.43
N CYS G 23 -16.64 -15.60 26.36
CA CYS G 23 -17.22 -14.98 25.17
C CYS G 23 -16.91 -15.86 23.98
N ARG G 24 -17.94 -16.53 23.45
CA ARG G 24 -17.80 -17.48 22.36
C ARG G 24 -18.50 -16.95 21.12
N ALA G 25 -17.85 -17.09 19.97
CA ALA G 25 -18.33 -16.55 18.71
C ALA G 25 -18.30 -17.62 17.62
N SER G 26 -18.75 -17.21 16.43
CA SER G 26 -18.52 -17.95 15.21
C SER G 26 -17.61 -17.16 14.29
N GLN G 27 -17.03 -17.84 13.30
CA GLN G 27 -16.13 -17.21 12.33
C GLN G 27 -14.94 -16.56 13.05
N GLY G 28 -14.11 -17.44 13.64
CA GLY G 28 -12.99 -17.06 14.48
C GLY G 28 -12.21 -15.82 14.08
N ILE G 29 -11.90 -14.98 15.06
CA ILE G 29 -11.28 -13.67 14.82
C ILE G 29 -9.89 -13.61 15.43
N SER G 30 -9.80 -13.86 16.75
CA SER G 30 -8.56 -13.99 17.52
C SER G 30 -7.85 -12.66 17.77
N THR G 31 -8.29 -11.58 17.14
CA THR G 31 -7.69 -10.28 17.42
C THR G 31 -8.72 -9.21 17.76
N SER G 32 -9.81 -9.14 16.99
CA SER G 32 -10.73 -8.00 17.04
C SER G 32 -11.95 -8.35 17.90
N LEU G 33 -11.73 -8.44 19.22
CA LEU G 33 -12.83 -8.62 20.16
C LEU G 33 -12.62 -7.71 21.36
N ALA G 34 -13.71 -7.10 21.83
CA ALA G 34 -13.67 -6.12 22.92
C ALA G 34 -14.05 -6.70 24.27
N TRP G 35 -14.15 -5.83 25.26
CA TRP G 35 -14.73 -6.14 26.56
C TRP G 35 -15.23 -4.82 27.13
N TYR G 36 -16.40 -4.86 27.78
CA TYR G 36 -17.13 -3.64 28.05
C TYR G 36 -17.63 -3.66 29.49
N GLN G 37 -18.27 -2.57 29.89
CA GLN G 37 -18.88 -2.41 31.20
C GLN G 37 -19.96 -1.36 31.09
N GLN G 38 -21.11 -1.63 31.70
CA GLN G 38 -22.24 -0.70 31.68
C GLN G 38 -22.90 -0.70 33.05
N LYS G 39 -22.70 0.38 33.80
CA LYS G 39 -23.40 0.55 35.06
C LYS G 39 -24.89 0.79 34.79
N PRO G 40 -25.76 0.43 35.73
CA PRO G 40 -27.21 0.63 35.52
C PRO G 40 -27.53 2.09 35.28
N GLY G 41 -28.03 2.39 34.07
CA GLY G 41 -28.39 3.73 33.69
C GLY G 41 -27.24 4.58 33.19
N LYS G 42 -26.02 4.05 33.16
CA LYS G 42 -24.85 4.79 32.71
C LYS G 42 -24.42 4.32 31.33
N ALA G 43 -23.78 5.22 30.59
CA ALA G 43 -23.25 4.88 29.28
C ALA G 43 -22.09 3.89 29.44
N PRO G 44 -21.98 2.93 28.53
CA PRO G 44 -20.87 1.97 28.60
C PRO G 44 -19.54 2.64 28.34
N LYS G 45 -18.50 2.07 28.93
CA LYS G 45 -17.14 2.54 28.74
C LYS G 45 -16.26 1.37 28.35
N LEU G 46 -15.28 1.63 27.49
CA LEU G 46 -14.43 0.57 26.98
C LEU G 46 -13.56 0.00 28.11
N LEU G 47 -13.35 -1.30 28.05
CA LEU G 47 -12.55 -2.01 29.06
C LEU G 47 -11.30 -2.66 28.51
N ILE G 48 -11.39 -3.46 27.43
CA ILE G 48 -10.23 -4.12 26.84
C ILE G 48 -10.39 -4.06 25.32
N TYR G 49 -9.33 -3.68 24.63
CA TYR G 49 -9.32 -3.66 23.18
C TYR G 49 -8.17 -4.52 22.65
N LYS G 50 -8.38 -5.09 21.46
CA LYS G 50 -7.54 -6.13 20.88
C LYS G 50 -7.54 -7.36 21.78
N ALA G 51 -8.50 -7.42 22.71
CA ALA G 51 -8.74 -8.57 23.56
C ALA G 51 -7.56 -8.92 24.45
N SER G 52 -6.50 -8.11 24.44
CA SER G 52 -5.35 -8.37 25.30
C SER G 52 -4.82 -7.10 25.96
N SER G 53 -5.24 -5.94 25.45
CA SER G 53 -4.70 -4.68 25.93
C SER G 53 -5.76 -3.86 26.65
N LEU G 54 -5.36 -3.24 27.75
CA LEU G 54 -6.27 -2.43 28.56
C LEU G 54 -6.37 -1.02 28.02
N GLU G 55 -7.54 -0.41 28.23
CA GLU G 55 -7.74 0.99 27.89
C GLU G 55 -7.12 1.87 28.97
N SER G 56 -6.76 3.10 28.59
CA SER G 56 -6.15 4.02 29.53
C SER G 56 -7.07 4.26 30.72
N GLY G 57 -6.49 4.16 31.91
CA GLY G 57 -7.22 4.32 33.15
C GLY G 57 -7.81 3.06 33.73
N VAL G 58 -7.81 1.97 32.98
CA VAL G 58 -8.32 0.69 33.45
C VAL G 58 -7.30 0.08 34.40
N PRO G 59 -7.71 -0.35 35.58
CA PRO G 59 -6.75 -0.95 36.52
C PRO G 59 -6.20 -2.27 36.00
N SER G 60 -5.06 -2.67 36.57
CA SER G 60 -4.37 -3.87 36.12
C SER G 60 -5.11 -5.16 36.47
N ARG G 61 -6.16 -5.08 37.30
CA ARG G 61 -6.91 -6.28 37.67
C ARG G 61 -7.58 -6.94 36.48
N PHE G 62 -7.95 -6.16 35.46
CA PHE G 62 -8.66 -6.68 34.31
C PHE G 62 -7.68 -7.34 33.35
N SER G 63 -8.07 -8.51 32.83
CA SER G 63 -7.22 -9.27 31.92
C SER G 63 -8.08 -9.97 30.89
N GLY G 64 -7.64 -9.94 29.63
CA GLY G 64 -8.34 -10.61 28.56
C GLY G 64 -7.40 -11.46 27.74
N SER G 65 -7.95 -12.55 27.22
CA SER G 65 -7.18 -13.47 26.39
C SER G 65 -8.15 -14.31 25.56
N GLY G 66 -7.62 -14.92 24.52
CA GLY G 66 -8.42 -15.81 23.69
C GLY G 66 -7.99 -15.72 22.23
N SER G 67 -8.42 -16.73 21.47
CA SER G 67 -8.13 -16.80 20.05
C SER G 67 -9.17 -17.69 19.40
N GLY G 68 -9.27 -17.59 18.08
CA GLY G 68 -10.28 -18.35 17.36
C GLY G 68 -11.67 -17.86 17.72
N THR G 69 -12.51 -18.77 18.19
CA THR G 69 -13.87 -18.44 18.59
C THR G 69 -14.05 -18.39 20.10
N GLU G 70 -12.98 -18.61 20.87
CA GLU G 70 -13.06 -18.71 22.33
C GLU G 70 -12.32 -17.52 22.93
N PHE G 71 -12.98 -16.82 23.86
CA PHE G 71 -12.41 -15.67 24.54
C PHE G 71 -12.95 -15.61 25.96
N THR G 72 -12.15 -15.02 26.86
CA THR G 72 -12.52 -14.88 28.26
C THR G 72 -12.13 -13.50 28.77
N LEU G 73 -12.80 -13.08 29.83
CA LEU G 73 -12.46 -11.88 30.57
C LEU G 73 -12.06 -12.29 31.99
N THR G 74 -10.86 -11.88 32.41
CA THR G 74 -10.33 -12.27 33.71
C THR G 74 -10.25 -11.05 34.62
N ILE G 75 -11.09 -11.04 35.65
CA ILE G 75 -11.07 -10.01 36.68
C ILE G 75 -10.62 -10.67 37.97
N THR G 76 -9.69 -10.04 38.68
CA THR G 76 -9.08 -10.62 39.87
C THR G 76 -9.36 -9.76 41.10
N SER G 77 -9.69 -10.44 42.19
CA SER G 77 -9.93 -9.80 43.50
C SER G 77 -10.99 -8.71 43.38
N LEU G 78 -12.23 -9.15 43.10
CA LEU G 78 -13.30 -8.25 42.69
C LEU G 78 -13.52 -7.12 43.68
N GLN G 79 -13.80 -5.91 43.16
CA GLN G 79 -14.11 -4.72 43.94
C GLN G 79 -15.60 -4.44 43.93
N PRO G 80 -16.11 -3.72 44.95
CA PRO G 80 -17.54 -3.38 44.96
C PRO G 80 -18.01 -2.54 43.78
N GLU G 81 -17.19 -1.61 43.28
CA GLU G 81 -17.65 -0.76 42.18
C GLU G 81 -17.45 -1.40 40.82
N ASP G 82 -17.05 -2.68 40.75
CA ASP G 82 -16.97 -3.41 39.49
C ASP G 82 -18.22 -4.24 39.20
N PHE G 83 -19.24 -4.17 40.05
CA PHE G 83 -20.46 -4.94 39.86
C PHE G 83 -21.33 -4.25 38.82
N ALA G 84 -21.26 -4.73 37.59
CA ALA G 84 -22.05 -4.19 36.48
C ALA G 84 -22.23 -5.28 35.44
N THR G 85 -22.70 -4.87 34.27
CA THR G 85 -22.93 -5.78 33.15
C THR G 85 -21.80 -5.61 32.14
N TYR G 86 -21.03 -6.68 31.91
CA TYR G 86 -19.92 -6.66 30.97
C TYR G 86 -20.40 -7.17 29.62
N TYR G 87 -20.28 -6.34 28.59
CA TYR G 87 -20.70 -6.74 27.26
C TYR G 87 -19.49 -7.15 26.42
N CYS G 88 -19.75 -7.76 25.28
CA CYS G 88 -18.71 -8.29 24.41
C CYS G 88 -18.97 -7.81 22.99
N GLN G 89 -17.90 -7.67 22.20
CA GLN G 89 -18.00 -7.07 20.88
C GLN G 89 -16.92 -7.65 19.96
N GLN G 90 -17.12 -7.45 18.66
CA GLN G 90 -16.17 -7.85 17.63
C GLN G 90 -16.13 -6.78 16.54
N TYR G 91 -15.05 -6.76 15.74
CA TYR G 91 -14.93 -5.77 14.69
C TYR G 91 -14.55 -6.34 13.33
N LYS G 92 -14.39 -7.65 13.18
CA LYS G 92 -13.98 -8.18 11.88
C LYS G 92 -15.03 -7.86 10.81
N ARG G 93 -16.30 -7.98 11.15
CA ARG G 93 -17.39 -7.56 10.29
C ARG G 93 -18.17 -6.48 11.02
N TYR G 94 -19.35 -6.14 10.49
CA TYR G 94 -20.27 -5.22 11.14
C TYR G 94 -20.35 -5.51 12.63
N TRP G 95 -20.26 -4.47 13.46
CA TRP G 95 -20.14 -4.67 14.90
C TRP G 95 -21.42 -5.25 15.48
N THR G 96 -21.28 -6.33 16.25
CA THR G 96 -22.40 -6.98 16.91
C THR G 96 -22.04 -7.22 18.36
N PHE G 97 -22.91 -6.79 19.26
CA PHE G 97 -22.69 -6.94 20.69
C PHE G 97 -23.28 -8.26 21.17
N GLY G 98 -22.77 -8.72 22.31
CA GLY G 98 -23.26 -9.93 22.92
C GLY G 98 -24.64 -9.75 23.55
N GLN G 99 -24.98 -10.70 24.42
CA GLN G 99 -26.26 -10.67 25.10
C GLN G 99 -26.19 -10.01 26.47
N GLY G 100 -25.02 -9.96 27.09
CA GLY G 100 -24.87 -9.31 28.38
C GLY G 100 -24.81 -10.27 29.54
N THR G 101 -23.79 -10.11 30.39
CA THR G 101 -23.63 -10.90 31.60
C THR G 101 -23.49 -9.98 32.80
N LYS G 102 -24.03 -10.40 33.93
CA LYS G 102 -24.09 -9.59 35.13
C LYS G 102 -23.39 -10.28 36.29
N VAL G 103 -22.60 -9.51 37.03
CA VAL G 103 -21.93 -9.98 38.24
C VAL G 103 -22.69 -9.40 39.43
N GLU G 104 -23.11 -10.27 40.34
CA GLU G 104 -23.91 -9.87 41.49
C GLU G 104 -23.24 -10.32 42.79
N ILE G 105 -23.59 -9.63 43.87
CA ILE G 105 -23.06 -9.94 45.19
C ILE G 105 -23.65 -11.25 45.67
N LYS G 106 -22.86 -12.01 46.44
CA LYS G 106 -23.32 -13.29 46.96
C LYS G 106 -23.76 -13.09 48.42
N GLN H 1 27.74 2.13 -23.41
CA GLN H 1 27.54 2.57 -24.79
C GLN H 1 26.58 3.74 -24.78
N VAL H 2 25.83 3.87 -23.68
CA VAL H 2 24.75 4.86 -23.56
C VAL H 2 25.26 6.26 -23.91
N GLN H 3 24.63 6.88 -24.89
CA GLN H 3 25.09 8.15 -25.45
C GLN H 3 24.06 9.24 -25.14
N LEU H 4 24.53 10.35 -24.58
CA LEU H 4 23.71 11.51 -24.31
C LEU H 4 24.35 12.74 -24.93
N VAL H 5 23.56 13.54 -25.63
CA VAL H 5 24.02 14.78 -26.24
C VAL H 5 23.06 15.89 -25.87
N GLU H 6 23.56 17.12 -25.82
CA GLU H 6 22.76 18.29 -25.52
C GLU H 6 22.89 19.33 -26.63
N SER H 7 21.83 20.11 -26.82
CA SER H 7 21.84 21.17 -27.82
C SER H 7 21.13 22.41 -27.28
N GLY H 8 20.84 23.36 -28.16
CA GLY H 8 20.13 24.56 -27.76
C GLY H 8 20.92 25.56 -26.95
N GLY H 9 22.26 25.46 -26.94
CA GLY H 9 23.08 26.40 -26.21
C GLY H 9 23.16 27.74 -26.89
N GLY H 10 24.09 28.56 -26.40
CA GLY H 10 24.33 29.88 -26.94
C GLY H 10 24.23 30.94 -25.87
N VAL H 11 23.91 32.15 -26.29
CA VAL H 11 23.78 33.30 -25.40
C VAL H 11 22.42 33.95 -25.62
N VAL H 12 21.74 34.27 -24.52
CA VAL H 12 20.46 34.96 -24.58
C VAL H 12 20.47 36.09 -23.57
N GLN H 13 19.73 37.15 -23.88
CA GLN H 13 19.68 38.32 -23.02
C GLN H 13 18.93 37.99 -21.72
N PRO H 14 19.26 38.67 -20.63
CA PRO H 14 18.56 38.41 -19.36
C PRO H 14 17.06 38.70 -19.49
N GLY H 15 16.26 37.87 -18.84
CA GLY H 15 14.82 37.96 -18.93
C GLY H 15 14.21 37.25 -20.12
N GLY H 16 15.02 36.69 -21.01
CA GLY H 16 14.52 35.97 -22.15
C GLY H 16 14.22 34.52 -21.84
N SER H 17 13.84 33.79 -22.88
CA SER H 17 13.49 32.38 -22.76
C SER H 17 14.36 31.56 -23.72
N LEU H 18 14.76 30.38 -23.26
CA LEU H 18 15.60 29.48 -24.03
C LEU H 18 15.22 28.04 -23.68
N ARG H 19 15.22 27.17 -24.67
CA ARG H 19 14.76 25.79 -24.50
C ARG H 19 15.88 24.83 -24.89
N LEU H 20 16.23 23.94 -23.98
CA LEU H 20 17.26 22.93 -24.21
C LEU H 20 16.64 21.61 -24.65
N SER H 21 17.50 20.69 -25.09
CA SER H 21 17.07 19.38 -25.52
C SER H 21 18.21 18.39 -25.30
N CYS H 22 17.85 17.15 -24.94
CA CYS H 22 18.83 16.10 -24.64
C CYS H 22 18.34 14.80 -25.28
N ALA H 23 18.90 14.49 -26.45
CA ALA H 23 18.61 13.21 -27.08
C ALA H 23 19.44 12.11 -26.44
N ALA H 24 18.83 10.94 -26.25
CA ALA H 24 19.47 9.81 -25.61
C ALA H 24 19.34 8.57 -26.49
N SER H 25 20.27 7.64 -26.31
CA SER H 25 20.29 6.40 -27.07
C SER H 25 21.13 5.35 -26.37
N GLY H 26 20.92 4.08 -26.72
CA GLY H 26 21.66 2.98 -26.13
C GLY H 26 21.03 2.40 -24.88
N PHE H 27 19.94 2.97 -24.39
CA PHE H 27 19.27 2.45 -23.20
C PHE H 27 17.77 2.75 -23.32
N THR H 28 16.98 2.07 -22.50
CA THR H 28 15.53 2.26 -22.55
C THR H 28 15.17 3.60 -21.92
N PHE H 29 15.10 4.64 -22.75
CA PHE H 29 14.84 5.98 -22.25
C PHE H 29 13.49 6.08 -21.58
N SER H 30 12.49 5.37 -22.09
CA SER H 30 11.15 5.41 -21.54
C SER H 30 11.07 4.84 -20.13
N GLY H 31 12.06 4.07 -19.71
CA GLY H 31 12.05 3.44 -18.40
C GLY H 31 13.07 3.95 -17.41
N TYR H 32 13.60 5.16 -17.59
CA TYR H 32 14.58 5.73 -16.69
C TYR H 32 14.27 7.19 -16.42
N GLY H 33 14.69 7.68 -15.25
CA GLY H 33 14.51 9.06 -14.89
C GLY H 33 15.61 9.95 -15.40
N MET H 34 15.31 11.25 -15.48
CA MET H 34 16.23 12.23 -16.05
C MET H 34 16.64 13.25 -15.00
N HIS H 35 17.68 14.01 -15.33
CA HIS H 35 18.17 15.08 -14.47
C HIS H 35 18.75 16.20 -15.31
N TRP H 36 18.90 17.37 -14.70
CA TRP H 36 19.69 18.46 -15.22
C TRP H 36 20.61 18.97 -14.12
N VAL H 37 21.91 18.75 -14.30
CA VAL H 37 22.92 19.19 -13.33
C VAL H 37 23.77 20.26 -14.01
N ARG H 38 23.87 21.42 -13.37
CA ARG H 38 24.61 22.54 -13.95
C ARG H 38 25.85 22.83 -13.13
N GLN H 39 26.89 23.32 -13.80
CA GLN H 39 28.16 23.62 -13.19
C GLN H 39 28.63 24.99 -13.64
N VAL H 40 28.70 25.93 -12.73
CA VAL H 40 29.35 27.22 -13.00
C VAL H 40 30.84 26.98 -13.15
N PRO H 41 31.47 27.48 -14.22
CA PRO H 41 32.89 27.16 -14.45
C PRO H 41 33.76 27.55 -13.27
N GLY H 42 34.65 26.65 -12.88
CA GLY H 42 35.51 26.83 -11.74
C GLY H 42 34.87 26.59 -10.40
N LYS H 43 33.60 26.20 -10.36
CA LYS H 43 32.85 25.98 -9.13
C LYS H 43 32.45 24.52 -9.04
N GLY H 44 31.68 24.21 -8.00
CA GLY H 44 31.08 22.90 -7.86
C GLY H 44 29.77 22.81 -8.61
N LEU H 45 29.20 21.61 -8.61
CA LEU H 45 27.94 21.37 -9.29
C LEU H 45 26.76 21.71 -8.37
N GLU H 46 25.63 22.01 -8.99
CA GLU H 46 24.38 22.20 -8.27
C GLU H 46 23.24 21.60 -9.07
N TRP H 47 22.44 20.79 -8.40
CA TRP H 47 21.32 20.12 -9.04
C TRP H 47 20.23 21.13 -9.39
N VAL H 48 19.48 20.84 -10.45
CA VAL H 48 18.45 21.74 -10.95
C VAL H 48 17.07 21.10 -10.91
N ALA H 49 16.88 19.98 -11.62
CA ALA H 49 15.55 19.41 -11.74
C ALA H 49 15.64 17.91 -11.93
N ILE H 50 14.53 17.23 -11.61
CA ILE H 50 14.37 15.80 -11.84
C ILE H 50 12.94 15.55 -12.28
N ILE H 51 12.76 14.63 -13.23
CA ILE H 51 11.44 14.21 -13.67
C ILE H 51 11.37 12.69 -13.64
N TRP H 52 10.26 12.15 -13.16
CA TRP H 52 10.12 10.72 -13.02
C TRP H 52 10.08 10.05 -14.40
N PHE H 53 10.25 8.73 -14.40
CA PHE H 53 10.42 8.00 -15.65
C PHE H 53 9.20 8.16 -16.55
N ASP H 54 8.00 8.07 -15.98
CA ASP H 54 6.80 8.21 -16.80
C ASP H 54 6.42 9.66 -17.04
N GLY H 55 7.03 10.60 -16.32
CA GLY H 55 6.75 12.01 -16.47
C GLY H 55 5.62 12.55 -15.63
N SER H 56 5.18 11.81 -14.61
CA SER H 56 4.07 12.26 -13.79
C SER H 56 4.48 13.42 -12.89
N GLN H 57 5.43 13.18 -11.99
CA GLN H 57 5.85 14.17 -11.01
C GLN H 57 7.20 14.76 -11.41
N LYS H 58 7.51 15.94 -10.88
CA LYS H 58 8.75 16.63 -11.23
C LYS H 58 9.12 17.64 -10.14
N TYR H 59 10.41 17.81 -9.89
CA TYR H 59 10.88 18.67 -8.81
C TYR H 59 11.94 19.63 -9.35
N TYR H 60 12.34 20.58 -8.50
CA TYR H 60 13.33 21.58 -8.85
C TYR H 60 14.10 21.99 -7.61
N ALA H 61 15.26 22.61 -7.84
CA ALA H 61 15.97 23.27 -6.76
C ALA H 61 15.26 24.57 -6.39
N ASP H 62 15.50 25.04 -5.16
CA ASP H 62 14.81 26.23 -4.68
C ASP H 62 15.13 27.47 -5.50
N SER H 63 16.36 27.59 -6.00
CA SER H 63 16.74 28.77 -6.76
C SER H 63 16.12 28.82 -8.14
N VAL H 64 15.55 27.72 -8.63
CA VAL H 64 14.99 27.65 -9.96
C VAL H 64 13.50 27.35 -9.96
N GLN H 65 12.87 27.34 -8.78
CA GLN H 65 11.46 27.00 -8.68
C GLN H 65 10.61 28.06 -9.38
N GLY H 66 9.69 27.60 -10.23
CA GLY H 66 8.74 28.47 -10.89
C GLY H 66 9.21 29.08 -12.18
N ARG H 67 10.51 29.06 -12.46
CA ARG H 67 11.05 29.59 -13.71
C ARG H 67 11.43 28.53 -14.72
N PHE H 68 11.76 27.33 -14.27
CA PHE H 68 12.20 26.25 -15.15
C PHE H 68 11.10 25.21 -15.28
N THR H 69 10.94 24.69 -16.49
CA THR H 69 9.99 23.62 -16.77
C THR H 69 10.73 22.46 -17.42
N ILE H 70 10.73 21.31 -16.74
CA ILE H 70 11.40 20.12 -17.22
C ILE H 70 10.36 19.15 -17.74
N SER H 71 10.56 18.67 -18.97
CA SER H 71 9.56 17.84 -19.62
C SER H 71 10.25 16.76 -20.44
N ARG H 72 9.51 15.68 -20.69
CA ARG H 72 9.98 14.56 -21.48
C ARG H 72 9.09 14.37 -22.69
N ASP H 73 9.55 13.50 -23.60
CA ASP H 73 8.74 13.05 -24.73
C ASP H 73 9.30 11.68 -25.08
N ASN H 74 8.60 10.63 -24.63
CA ASN H 74 9.14 9.28 -24.72
C ASN H 74 9.18 8.76 -26.15
N SER H 75 8.44 9.40 -27.06
CA SER H 75 8.37 8.91 -28.44
C SER H 75 9.72 8.99 -29.12
N LYS H 76 10.38 10.14 -29.06
CA LYS H 76 11.69 10.32 -29.69
C LYS H 76 12.85 10.24 -28.71
N LYS H 77 12.61 9.69 -27.51
CA LYS H 77 13.67 9.51 -26.51
C LYS H 77 14.40 10.82 -26.22
N THR H 78 13.64 11.89 -26.03
CA THR H 78 14.20 13.23 -25.90
C THR H 78 13.79 13.84 -24.57
N LEU H 79 14.73 14.50 -23.92
CA LEU H 79 14.48 15.25 -22.69
C LEU H 79 14.58 16.74 -22.98
N PHE H 80 13.67 17.52 -22.39
CA PHE H 80 13.62 18.95 -22.59
C PHE H 80 13.71 19.69 -21.27
N LEU H 81 13.96 20.99 -21.36
CA LEU H 81 14.01 21.87 -20.20
C LEU H 81 13.74 23.29 -20.68
N ARG H 82 12.55 23.80 -20.39
CA ARG H 82 12.11 25.10 -20.85
C ARG H 82 12.49 26.15 -19.82
N MET H 83 13.46 26.99 -20.16
CA MET H 83 14.00 28.01 -19.28
C MET H 83 13.25 29.30 -19.56
N ASN H 84 12.74 29.93 -18.50
CA ASN H 84 12.03 31.20 -18.62
C ASN H 84 12.61 32.24 -17.67
N SER H 85 12.64 33.48 -18.14
CA SER H 85 13.17 34.62 -17.38
C SER H 85 14.58 34.33 -16.88
N LEU H 86 15.50 34.12 -17.83
CA LEU H 86 16.87 33.79 -17.48
C LEU H 86 17.56 34.97 -16.83
N ARG H 87 18.40 34.68 -15.84
CA ARG H 87 19.11 35.70 -15.09
C ARG H 87 20.61 35.44 -15.14
N ALA H 88 21.39 36.45 -14.73
CA ALA H 88 22.83 36.40 -14.90
C ALA H 88 23.48 35.28 -14.11
N GLU H 89 22.95 34.96 -12.92
CA GLU H 89 23.56 33.93 -12.10
C GLU H 89 23.35 32.53 -12.66
N ASP H 90 22.52 32.35 -13.69
CA ASP H 90 22.27 31.04 -14.28
C ASP H 90 23.29 30.67 -15.35
N THR H 91 24.24 31.55 -15.66
CA THR H 91 25.26 31.24 -16.65
C THR H 91 26.14 30.10 -16.15
N ALA H 92 26.06 28.95 -16.81
CA ALA H 92 26.81 27.76 -16.42
C ALA H 92 26.66 26.71 -17.52
N VAL H 93 27.39 25.62 -17.35
CA VAL H 93 27.31 24.48 -18.27
C VAL H 93 26.26 23.52 -17.73
N TYR H 94 25.28 23.20 -18.56
CA TYR H 94 24.17 22.35 -18.15
C TYR H 94 24.35 20.94 -18.71
N TYR H 95 24.24 19.95 -17.82
CA TYR H 95 24.54 18.56 -18.14
C TYR H 95 23.27 17.74 -18.15
N CYS H 96 23.15 16.84 -19.12
CA CYS H 96 22.12 15.82 -19.07
C CYS H 96 22.61 14.61 -18.28
N ALA H 97 21.69 13.96 -17.57
CA ALA H 97 22.09 12.87 -16.70
C ALA H 97 20.98 11.83 -16.61
N LYS H 98 21.36 10.59 -16.34
CA LYS H 98 20.45 9.46 -16.22
C LYS H 98 20.47 8.92 -14.80
N VAL H 99 19.31 8.53 -14.31
CA VAL H 99 19.21 7.91 -12.99
C VAL H 99 19.82 6.52 -13.04
N HIS H 100 20.50 6.13 -11.97
CA HIS H 100 21.07 4.79 -11.89
C HIS H 100 19.98 3.76 -11.69
N ASP H 101 20.36 2.48 -11.82
CA ASP H 101 19.40 1.41 -11.72
C ASP H 101 18.93 1.21 -10.28
N ASP H 102 19.86 0.86 -9.38
CA ASP H 102 19.50 0.50 -8.02
C ASP H 102 19.27 1.74 -7.14
N GLU H 103 20.31 2.55 -6.99
CA GLU H 103 20.22 3.69 -6.08
C GLU H 103 20.05 4.97 -6.90
N PRO H 104 19.09 5.83 -6.54
CA PRO H 104 18.70 6.95 -7.42
C PRO H 104 19.78 8.03 -7.53
N THR H 105 20.98 7.62 -7.91
CA THR H 105 22.07 8.55 -8.18
C THR H 105 22.10 8.90 -9.66
N GLN H 106 23.15 9.56 -10.11
CA GLN H 106 23.39 9.84 -11.52
C GLN H 106 24.65 9.08 -11.94
N ASP H 107 24.57 8.39 -13.07
CA ASP H 107 25.68 7.52 -13.47
C ASP H 107 26.43 8.07 -14.69
N TYR H 108 25.72 8.32 -15.79
CA TYR H 108 26.33 8.74 -17.04
C TYR H 108 25.88 10.16 -17.36
N TRP H 109 26.84 11.05 -17.59
CA TRP H 109 26.57 12.45 -17.88
C TRP H 109 26.87 12.75 -19.35
N GLY H 110 25.98 13.48 -19.99
CA GLY H 110 26.24 13.97 -21.33
C GLY H 110 27.28 15.08 -21.29
N GLN H 111 27.86 15.41 -22.43
CA GLN H 111 28.98 16.35 -22.48
C GLN H 111 28.59 17.78 -22.13
N GLY H 112 27.30 18.10 -22.12
CA GLY H 112 26.84 19.39 -21.65
C GLY H 112 26.85 20.46 -22.72
N THR H 113 26.08 21.51 -22.47
CA THR H 113 25.98 22.66 -23.37
C THR H 113 26.30 23.92 -22.60
N LEU H 114 26.62 24.98 -23.34
CA LEU H 114 27.01 26.26 -22.77
C LEU H 114 25.84 27.24 -22.85
N VAL H 115 25.45 27.80 -21.71
CA VAL H 115 24.42 28.82 -21.64
C VAL H 115 24.99 30.02 -20.91
N THR H 116 24.95 31.18 -21.54
CA THR H 116 25.43 32.42 -20.96
C THR H 116 24.35 33.49 -21.05
N VAL H 117 24.55 34.56 -20.29
CA VAL H 117 23.58 35.65 -20.25
C VAL H 117 24.24 36.98 -20.60
N ASP I 1 17.73 21.51 3.68
CA ASP I 1 18.53 20.68 2.79
C ASP I 1 19.85 20.30 3.46
N ILE I 2 20.51 19.29 2.90
CA ILE I 2 21.81 18.91 3.43
C ILE I 2 22.90 19.79 2.82
N GLN I 3 23.86 20.16 3.66
CA GLN I 3 25.01 20.96 3.25
C GLN I 3 26.26 20.09 3.32
N MET I 4 27.11 20.20 2.31
CA MET I 4 28.23 19.28 2.14
C MET I 4 29.55 20.00 2.28
N THR I 5 30.54 19.32 2.84
CA THR I 5 31.88 19.88 3.04
C THR I 5 32.92 18.86 2.62
N GLN I 6 33.99 19.35 1.99
CA GLN I 6 35.10 18.51 1.58
C GLN I 6 36.40 19.04 2.14
N SER I 7 37.37 18.13 2.33
CA SER I 7 38.69 18.48 2.83
C SER I 7 39.68 17.39 2.45
N PRO I 8 40.86 17.75 1.93
CA PRO I 8 41.33 19.11 1.61
C PRO I 8 40.78 19.60 0.29
N SER I 9 40.72 20.91 0.06
CA SER I 9 40.19 21.42 -1.20
C SER I 9 41.21 21.33 -2.32
N THR I 10 42.47 21.04 -1.99
CA THR I 10 43.53 20.86 -2.97
C THR I 10 44.59 19.94 -2.40
N LEU I 11 44.93 18.88 -3.11
CA LEU I 11 45.90 17.89 -2.67
C LEU I 11 46.91 17.62 -3.77
N SER I 12 48.15 17.34 -3.38
CA SER I 12 49.23 17.07 -4.32
C SER I 12 49.88 15.73 -3.98
N ALA I 13 50.16 14.94 -5.01
CA ALA I 13 50.81 13.65 -4.83
C ALA I 13 51.50 13.25 -6.13
N SER I 14 52.45 12.34 -6.01
CA SER I 14 53.19 11.83 -7.15
C SER I 14 52.49 10.60 -7.74
N VAL I 15 53.14 9.99 -8.72
CA VAL I 15 52.61 8.79 -9.35
C VAL I 15 52.90 7.59 -8.47
N GLY I 16 51.89 6.75 -8.23
CA GLY I 16 52.02 5.61 -7.37
C GLY I 16 51.83 5.89 -5.89
N ASP I 17 51.51 7.12 -5.53
CA ASP I 17 51.31 7.50 -4.14
C ASP I 17 49.86 7.18 -3.76
N ARG I 18 49.60 7.07 -2.46
CA ARG I 18 48.28 6.70 -1.96
C ARG I 18 47.68 7.88 -1.21
N VAL I 19 46.48 8.29 -1.61
CA VAL I 19 45.85 9.50 -1.09
C VAL I 19 44.49 9.15 -0.50
N THR I 20 43.99 10.05 0.34
CA THR I 20 42.66 9.94 0.94
C THR I 20 41.96 11.28 0.89
N ILE I 21 40.66 11.25 0.59
CA ILE I 21 39.82 12.45 0.54
C ILE I 21 38.68 12.26 1.51
N THR I 22 38.52 13.23 2.42
CA THR I 22 37.53 13.16 3.47
C THR I 22 36.31 14.00 3.11
N CYS I 23 35.13 13.40 3.18
CA CYS I 23 33.88 14.07 2.85
C CYS I 23 32.99 14.06 4.09
N ARG I 24 32.86 15.22 4.73
CA ARG I 24 32.08 15.36 5.95
C ARG I 24 30.77 16.08 5.63
N ALA I 25 29.67 15.55 6.16
CA ALA I 25 28.35 16.09 5.91
C ALA I 25 27.65 16.41 7.22
N SER I 26 26.58 17.20 7.13
CA SER I 26 25.66 17.37 8.23
C SER I 26 24.44 16.47 8.03
N GLN I 27 23.69 16.25 9.11
CA GLN I 27 22.48 15.43 9.07
C GLN I 27 22.80 14.02 8.58
N GLY I 28 23.55 13.31 9.41
CA GLY I 28 24.13 12.00 9.10
C GLY I 28 23.31 11.05 8.27
N ILE I 29 23.94 10.42 7.29
CA ILE I 29 23.28 9.58 6.30
C ILE I 29 23.70 8.13 6.41
N SER I 30 25.01 7.86 6.37
CA SER I 30 25.64 6.57 6.60
C SER I 30 25.44 5.58 5.47
N THR I 31 24.56 5.89 4.52
CA THR I 31 24.36 4.99 3.38
C THR I 31 24.63 5.70 2.05
N SER I 32 23.98 6.84 1.87
CA SER I 32 23.76 7.43 0.55
C SER I 32 24.77 8.55 0.29
N LEU I 33 25.99 8.15 -0.08
CA LEU I 33 27.03 9.11 -0.45
C LEU I 33 27.80 8.57 -1.65
N ALA I 34 28.04 9.44 -2.63
CA ALA I 34 28.76 9.05 -3.85
C ALA I 34 30.19 9.57 -3.89
N TRP I 35 30.87 9.31 -5.00
CA TRP I 35 32.15 9.92 -5.32
C TRP I 35 32.20 10.06 -6.84
N TYR I 36 32.87 11.11 -7.31
CA TYR I 36 32.81 11.44 -8.73
C TYR I 36 34.23 11.69 -9.24
N GLN I 37 34.31 11.98 -10.53
CA GLN I 37 35.57 12.30 -11.20
C GLN I 37 35.25 13.18 -12.39
N GLN I 38 36.06 14.21 -12.59
CA GLN I 38 35.86 15.14 -13.71
C GLN I 38 37.22 15.62 -14.18
N LYS I 39 37.73 15.01 -15.26
CA LYS I 39 38.88 15.57 -15.93
C LYS I 39 38.51 16.92 -16.54
N PRO I 40 39.47 17.83 -16.69
CA PRO I 40 39.13 19.18 -17.17
C PRO I 40 38.44 19.15 -18.52
N GLY I 41 37.21 19.65 -18.56
CA GLY I 41 36.46 19.78 -19.79
C GLY I 41 35.59 18.59 -20.16
N LYS I 42 35.65 17.50 -19.41
CA LYS I 42 34.85 16.32 -19.72
C LYS I 42 33.77 16.12 -18.66
N ALA I 43 32.66 15.52 -19.09
CA ALA I 43 31.54 15.31 -18.20
C ALA I 43 31.90 14.34 -17.08
N PRO I 44 31.43 14.59 -15.86
CA PRO I 44 31.77 13.72 -14.74
C PRO I 44 31.19 12.31 -14.91
N LYS I 45 31.89 11.35 -14.33
CA LYS I 45 31.46 9.96 -14.37
C LYS I 45 31.45 9.42 -12.94
N LEU I 46 30.47 8.59 -12.63
CA LEU I 46 30.33 8.04 -11.29
C LEU I 46 31.48 7.08 -10.98
N LEU I 47 31.91 7.08 -9.72
CA LEU I 47 32.98 6.20 -9.27
C LEU I 47 32.58 5.26 -8.15
N ILE I 48 31.87 5.72 -7.12
CA ILE I 48 31.45 4.87 -6.00
C ILE I 48 30.03 5.26 -5.64
N TYR I 49 29.17 4.26 -5.47
CA TYR I 49 27.80 4.48 -5.04
C TYR I 49 27.49 3.64 -3.81
N LYS I 50 26.62 4.18 -2.96
CA LYS I 50 26.39 3.69 -1.60
C LYS I 50 27.68 3.72 -0.79
N ALA I 51 28.64 4.53 -1.23
CA ALA I 51 29.86 4.84 -0.48
C ALA I 51 30.74 3.62 -0.21
N SER I 52 30.36 2.45 -0.71
CA SER I 52 31.19 1.27 -0.49
C SER I 52 31.33 0.41 -1.73
N SER I 53 30.47 0.64 -2.74
CA SER I 53 30.46 -0.21 -3.92
C SER I 53 30.93 0.55 -5.15
N LEU I 54 31.79 -0.08 -5.93
CA LEU I 54 32.34 0.52 -7.14
C LEU I 54 31.34 0.41 -8.29
N GLU I 55 31.26 1.47 -9.08
CA GLU I 55 30.52 1.43 -10.34
C GLU I 55 31.26 0.54 -11.33
N SER I 56 30.50 -0.17 -12.15
CA SER I 56 31.10 -1.14 -13.08
C SER I 56 32.05 -0.43 -14.04
N GLY I 57 33.24 -1.01 -14.20
CA GLY I 57 34.24 -0.50 -15.12
C GLY I 57 35.40 0.24 -14.48
N VAL I 58 35.23 0.75 -13.26
CA VAL I 58 36.31 1.43 -12.57
C VAL I 58 37.24 0.37 -11.97
N PRO I 59 38.53 0.66 -11.82
CA PRO I 59 39.45 -0.34 -11.27
C PRO I 59 39.24 -0.54 -9.78
N SER I 60 39.89 -1.58 -9.25
CA SER I 60 39.81 -1.88 -7.84
C SER I 60 40.65 -0.95 -6.96
N ARG I 61 41.44 -0.07 -7.58
CA ARG I 61 42.25 0.87 -6.81
C ARG I 61 41.39 1.79 -5.94
N PHE I 62 40.24 2.21 -6.43
CA PHE I 62 39.36 3.12 -5.71
C PHE I 62 38.71 2.40 -4.55
N SER I 63 38.60 3.09 -3.41
CA SER I 63 38.02 2.49 -2.22
C SER I 63 37.26 3.57 -1.44
N GLY I 64 36.05 3.23 -1.01
CA GLY I 64 35.26 4.13 -0.21
C GLY I 64 34.68 3.42 0.99
N SER I 65 34.61 4.16 2.11
CA SER I 65 34.05 3.63 3.34
C SER I 65 33.65 4.81 4.22
N GLY I 66 32.77 4.53 5.17
CA GLY I 66 32.36 5.53 6.13
C GLY I 66 30.90 5.39 6.47
N SER I 67 30.52 6.09 7.55
CA SER I 67 29.14 6.09 8.02
C SER I 67 28.94 7.31 8.90
N GLY I 68 27.68 7.59 9.22
CA GLY I 68 27.38 8.74 10.04
C GLY I 68 27.51 10.02 9.24
N THR I 69 28.36 10.93 9.72
CA THR I 69 28.59 12.21 9.07
C THR I 69 29.95 12.28 8.38
N GLU I 70 30.77 11.24 8.51
CA GLU I 70 32.13 11.23 7.98
C GLU I 70 32.25 10.14 6.92
N PHE I 71 32.83 10.47 5.78
CA PHE I 71 33.08 9.53 4.70
C PHE I 71 34.43 9.84 4.07
N THR I 72 35.06 8.81 3.52
CA THR I 72 36.38 8.95 2.90
C THR I 72 36.39 8.26 1.55
N LEU I 73 37.31 8.73 0.69
CA LEU I 73 37.65 8.08 -0.56
C LEU I 73 39.15 7.85 -0.58
N THR I 74 39.56 6.59 -0.70
CA THR I 74 40.97 6.21 -0.67
C THR I 74 41.38 5.67 -2.02
N ILE I 75 42.42 6.26 -2.60
CA ILE I 75 42.96 5.83 -3.89
C ILE I 75 44.34 5.25 -3.62
N THR I 76 44.55 4.00 -4.00
CA THR I 76 45.82 3.32 -3.80
C THR I 76 46.55 3.19 -5.13
N SER I 77 47.86 3.44 -5.09
CA SER I 77 48.72 3.40 -6.27
C SER I 77 48.18 4.35 -7.36
N LEU I 78 48.20 5.64 -7.04
CA LEU I 78 47.69 6.65 -7.96
C LEU I 78 48.42 6.60 -9.29
N GLN I 79 47.67 6.66 -10.38
CA GLN I 79 48.18 6.57 -11.73
C GLN I 79 47.87 7.84 -12.50
N PRO I 80 48.65 8.16 -13.55
CA PRO I 80 48.52 9.46 -14.20
C PRO I 80 47.15 9.76 -14.78
N GLU I 81 46.34 8.75 -15.10
CA GLU I 81 45.01 9.03 -15.62
C GLU I 81 43.97 9.20 -14.52
N ASP I 82 44.39 9.44 -13.28
CA ASP I 82 43.47 9.69 -12.18
C ASP I 82 43.62 11.09 -11.58
N PHE I 83 44.46 11.94 -12.16
CA PHE I 83 44.66 13.31 -11.68
C PHE I 83 43.49 14.15 -12.17
N ALA I 84 42.46 14.28 -11.33
CA ALA I 84 41.29 15.07 -11.65
C ALA I 84 40.62 15.51 -10.35
N THR I 85 39.53 16.26 -10.48
CA THR I 85 38.78 16.80 -9.35
C THR I 85 37.71 15.81 -8.94
N TYR I 86 37.80 15.29 -7.73
CA TYR I 86 36.84 14.32 -7.21
C TYR I 86 35.77 15.05 -6.39
N TYR I 87 34.51 14.91 -6.78
CA TYR I 87 33.42 15.56 -6.07
C TYR I 87 32.81 14.61 -5.04
N CYS I 88 31.68 15.03 -4.48
CA CYS I 88 30.97 14.28 -3.46
C CYS I 88 29.48 14.57 -3.59
N GLN I 89 28.65 13.61 -3.17
CA GLN I 89 27.22 13.71 -3.36
C GLN I 89 26.50 12.90 -2.28
N GLN I 90 25.22 13.22 -2.08
CA GLN I 90 24.34 12.52 -1.14
C GLN I 90 22.92 12.54 -1.70
N TYR I 91 22.08 11.64 -1.21
CA TYR I 91 20.73 11.50 -1.76
C TYR I 91 19.63 11.59 -0.73
N LYS I 92 19.94 11.58 0.57
CA LYS I 92 18.89 11.51 1.58
C LYS I 92 17.91 12.67 1.45
N ARG I 93 18.39 13.83 0.99
CA ARG I 93 17.54 14.94 0.60
C ARG I 93 17.96 15.37 -0.80
N TYR I 94 17.45 16.54 -1.22
CA TYR I 94 17.82 17.12 -2.50
C TYR I 94 19.33 17.06 -2.71
N TRP I 95 19.75 16.68 -3.91
CA TRP I 95 21.17 16.45 -4.18
C TRP I 95 21.93 17.76 -4.18
N THR I 96 22.89 17.89 -3.27
CA THR I 96 23.79 19.04 -3.23
C THR I 96 25.22 18.53 -3.24
N PHE I 97 26.00 18.98 -4.20
CA PHE I 97 27.35 18.47 -4.41
C PHE I 97 28.34 19.23 -3.54
N GLY I 98 29.49 18.62 -3.31
CA GLY I 98 30.56 19.25 -2.57
C GLY I 98 31.18 20.39 -3.33
N GLN I 99 32.31 20.87 -2.80
CA GLN I 99 33.01 21.98 -3.43
C GLN I 99 34.07 21.52 -4.44
N GLY I 100 34.61 20.31 -4.27
CA GLY I 100 35.56 19.79 -5.23
C GLY I 100 36.99 19.77 -4.75
N THR I 101 37.59 18.59 -4.69
CA THR I 101 38.99 18.43 -4.32
C THR I 101 39.78 18.01 -5.54
N LYS I 102 40.86 18.74 -5.82
CA LYS I 102 41.66 18.55 -7.01
C LYS I 102 43.00 17.93 -6.64
N VAL I 103 43.43 16.94 -7.41
CA VAL I 103 44.68 16.24 -7.17
C VAL I 103 45.70 16.75 -8.17
N GLU I 104 46.87 17.16 -7.68
CA GLU I 104 47.92 17.73 -8.50
C GLU I 104 49.16 16.85 -8.47
N ILE I 105 49.97 17.01 -9.51
CA ILE I 105 51.25 16.30 -9.58
C ILE I 105 52.25 16.99 -8.66
N LYS I 106 53.19 16.22 -8.14
CA LYS I 106 54.18 16.76 -7.21
C LYS I 106 55.60 16.53 -7.71
N GLN J 1 -0.98 -28.75 -19.88
CA GLN J 1 -1.74 -28.65 -21.11
C GLN J 1 -1.86 -27.20 -21.56
N VAL J 2 -0.95 -26.36 -21.06
CA VAL J 2 -0.90 -24.95 -21.43
C VAL J 2 -0.55 -24.84 -22.91
N GLN J 3 -1.48 -24.30 -23.70
CA GLN J 3 -1.30 -24.20 -25.15
C GLN J 3 -1.64 -22.79 -25.61
N LEU J 4 -0.87 -22.28 -26.55
CA LEU J 4 -1.09 -20.96 -27.14
C LEU J 4 -0.97 -21.06 -28.65
N VAL J 5 -1.78 -20.28 -29.36
CA VAL J 5 -1.73 -20.19 -30.81
C VAL J 5 -1.70 -18.72 -31.20
N GLU J 6 -1.15 -18.43 -32.37
CA GLU J 6 -1.02 -17.08 -32.88
C GLU J 6 -1.53 -17.01 -34.31
N SER J 7 -2.04 -15.84 -34.70
CA SER J 7 -2.55 -15.65 -36.05
C SER J 7 -2.28 -14.23 -36.52
N GLY J 8 -2.91 -13.84 -37.63
CA GLY J 8 -2.80 -12.48 -38.14
C GLY J 8 -1.52 -12.14 -38.86
N GLY J 9 -0.66 -13.12 -39.14
CA GLY J 9 0.59 -12.85 -39.81
C GLY J 9 0.40 -12.61 -41.30
N GLY J 10 1.52 -12.56 -42.01
CA GLY J 10 1.54 -12.34 -43.44
C GLY J 10 2.57 -11.29 -43.80
N VAL J 11 2.34 -10.63 -44.94
CA VAL J 11 3.24 -9.60 -45.45
C VAL J 11 2.48 -8.28 -45.53
N VAL J 12 3.11 -7.22 -45.02
CA VAL J 12 2.52 -5.89 -45.03
C VAL J 12 3.57 -4.91 -45.55
N GLN J 13 3.16 -4.05 -46.47
CA GLN J 13 4.04 -3.04 -47.03
C GLN J 13 4.52 -2.09 -45.93
N PRO J 14 5.75 -1.59 -46.04
CA PRO J 14 6.28 -0.69 -45.01
C PRO J 14 5.39 0.54 -44.85
N GLY J 15 5.21 0.96 -43.61
CA GLY J 15 4.28 2.01 -43.27
C GLY J 15 2.86 1.55 -43.00
N GLY J 16 2.58 0.26 -43.22
CA GLY J 16 1.26 -0.29 -42.95
C GLY J 16 1.12 -0.77 -41.52
N SER J 17 -0.06 -1.31 -41.22
CA SER J 17 -0.39 -1.78 -39.89
C SER J 17 -0.84 -3.23 -39.93
N LEU J 18 -0.57 -3.94 -38.85
CA LEU J 18 -0.98 -5.34 -38.69
C LEU J 18 -1.30 -5.58 -37.23
N ARG J 19 -2.29 -6.44 -36.97
CA ARG J 19 -2.77 -6.70 -35.62
C ARG J 19 -2.68 -8.20 -35.34
N LEU J 20 -1.77 -8.58 -34.45
CA LEU J 20 -1.60 -9.97 -34.07
C LEU J 20 -2.64 -10.37 -33.03
N SER J 21 -2.75 -11.68 -32.80
CA SER J 21 -3.64 -12.23 -31.81
C SER J 21 -3.03 -13.51 -31.24
N CYS J 22 -3.33 -13.78 -29.97
CA CYS J 22 -2.79 -14.94 -29.26
C CYS J 22 -3.90 -15.57 -28.43
N ALA J 23 -4.58 -16.55 -29.01
CA ALA J 23 -5.58 -17.31 -28.26
C ALA J 23 -4.89 -18.15 -27.19
N ALA J 24 -5.58 -18.33 -26.07
CA ALA J 24 -5.00 -19.02 -24.92
C ALA J 24 -5.99 -20.02 -24.34
N SER J 25 -5.44 -21.09 -23.78
CA SER J 25 -6.20 -22.09 -23.04
C SER J 25 -5.24 -23.02 -22.31
N GLY J 26 -5.74 -23.74 -21.31
CA GLY J 26 -4.89 -24.59 -20.49
C GLY J 26 -4.28 -23.89 -19.29
N PHE J 27 -4.55 -22.61 -19.10
CA PHE J 27 -4.06 -21.87 -17.94
C PHE J 27 -5.03 -20.72 -17.67
N THR J 28 -5.00 -20.21 -16.44
CA THR J 28 -5.85 -19.08 -16.08
C THR J 28 -5.33 -17.81 -16.74
N PHE J 29 -5.90 -17.46 -17.90
CA PHE J 29 -5.38 -16.35 -18.69
C PHE J 29 -5.46 -15.03 -17.92
N SER J 30 -6.59 -14.79 -17.24
CA SER J 30 -6.73 -13.57 -16.47
C SER J 30 -5.85 -13.53 -15.24
N GLY J 31 -5.28 -14.66 -14.83
CA GLY J 31 -4.40 -14.73 -13.69
C GLY J 31 -2.91 -14.74 -14.01
N TYR J 32 -2.53 -14.45 -15.25
CA TYR J 32 -1.14 -14.43 -15.66
C TYR J 32 -0.86 -13.25 -16.57
N GLY J 33 0.39 -12.80 -16.57
CA GLY J 33 0.82 -11.76 -17.48
C GLY J 33 1.24 -12.33 -18.82
N MET J 34 1.34 -11.46 -19.82
CA MET J 34 1.60 -11.87 -21.19
C MET J 34 2.86 -11.16 -21.71
N HIS J 35 3.57 -11.85 -22.60
CA HIS J 35 4.75 -11.29 -23.25
C HIS J 35 4.66 -11.47 -24.75
N TRP J 36 5.36 -10.60 -25.47
CA TRP J 36 5.59 -10.76 -26.90
C TRP J 36 7.08 -10.75 -27.16
N VAL J 37 7.64 -11.92 -27.44
CA VAL J 37 9.07 -12.06 -27.75
C VAL J 37 9.19 -12.41 -29.22
N ARG J 38 10.04 -11.68 -29.93
CA ARG J 38 10.24 -11.92 -31.35
C ARG J 38 11.66 -12.40 -31.59
N GLN J 39 11.81 -13.26 -32.60
CA GLN J 39 13.09 -13.85 -32.94
C GLN J 39 13.34 -13.65 -34.43
N VAL J 40 14.36 -12.87 -34.76
CA VAL J 40 14.82 -12.78 -36.15
C VAL J 40 15.49 -14.09 -36.53
N PRO J 41 15.09 -14.72 -37.64
CA PRO J 41 15.67 -16.02 -37.99
C PRO J 41 17.19 -15.96 -38.10
N GLY J 42 17.85 -16.93 -37.49
CA GLY J 42 19.29 -16.98 -37.43
C GLY J 42 19.92 -16.10 -36.38
N LYS J 43 19.13 -15.36 -35.62
CA LYS J 43 19.61 -14.46 -34.58
C LYS J 43 19.02 -14.86 -33.23
N GLY J 44 19.39 -14.10 -32.21
CA GLY J 44 18.80 -14.24 -30.89
C GLY J 44 17.49 -13.49 -30.81
N LEU J 45 16.74 -13.76 -29.76
CA LEU J 45 15.43 -13.12 -29.56
C LEU J 45 15.60 -11.81 -28.80
N GLU J 46 14.60 -10.96 -28.95
CA GLU J 46 14.56 -9.67 -28.27
C GLU J 46 13.16 -9.45 -27.72
N TRP J 47 13.09 -9.07 -26.45
CA TRP J 47 11.82 -8.76 -25.81
C TRP J 47 11.20 -7.53 -26.46
N VAL J 48 9.87 -7.49 -26.51
CA VAL J 48 9.14 -6.41 -27.14
C VAL J 48 8.17 -5.73 -26.19
N ALA J 49 7.30 -6.51 -25.54
CA ALA J 49 6.28 -5.91 -24.69
C ALA J 49 5.86 -6.87 -23.59
N ILE J 50 5.36 -6.30 -22.50
CA ILE J 50 4.78 -7.05 -21.39
C ILE J 50 3.53 -6.32 -20.93
N ILE J 51 2.49 -7.09 -20.57
CA ILE J 51 1.26 -6.54 -20.03
C ILE J 51 0.94 -7.28 -18.74
N TRP J 52 0.51 -6.54 -17.73
CA TRP J 52 0.23 -7.13 -16.43
C TRP J 52 -1.02 -8.02 -16.50
N PHE J 53 -1.20 -8.85 -15.47
CA PHE J 53 -2.28 -9.83 -15.49
C PHE J 53 -3.63 -9.15 -15.57
N ASP J 54 -3.82 -8.06 -14.82
CA ASP J 54 -5.08 -7.31 -14.91
C ASP J 54 -5.10 -6.36 -16.09
N GLY J 55 -3.97 -6.17 -16.76
CA GLY J 55 -3.88 -5.25 -17.87
C GLY J 55 -3.75 -3.79 -17.49
N SER J 56 -3.43 -3.50 -16.23
CA SER J 56 -3.37 -2.11 -15.77
C SER J 56 -2.23 -1.35 -16.46
N GLN J 57 -1.03 -1.91 -16.43
CA GLN J 57 0.15 -1.22 -16.95
C GLN J 57 0.84 -2.09 -18.00
N LYS J 58 1.70 -1.45 -18.80
CA LYS J 58 2.32 -2.11 -19.93
C LYS J 58 3.64 -1.45 -20.29
N TYR J 59 4.61 -2.24 -20.75
CA TYR J 59 5.95 -1.74 -21.08
C TYR J 59 6.31 -2.17 -22.50
N TYR J 60 7.33 -1.50 -23.05
CA TYR J 60 7.88 -1.84 -24.35
C TYR J 60 9.38 -1.66 -24.33
N ALA J 61 10.05 -2.35 -25.26
CA ALA J 61 11.46 -2.08 -25.50
C ALA J 61 11.61 -0.76 -26.26
N ASP J 62 12.81 -0.17 -26.16
CA ASP J 62 13.03 1.14 -26.76
C ASP J 62 12.86 1.14 -28.28
N SER J 63 13.15 0.01 -28.92
CA SER J 63 13.06 -0.05 -30.38
C SER J 63 11.62 -0.02 -30.88
N VAL J 64 10.65 -0.31 -30.03
CA VAL J 64 9.24 -0.39 -30.43
C VAL J 64 8.38 0.63 -29.72
N GLN J 65 8.97 1.48 -28.88
CA GLN J 65 8.20 2.47 -28.15
C GLN J 65 7.51 3.44 -29.10
N GLY J 66 6.24 3.73 -28.82
CA GLY J 66 5.48 4.69 -29.59
C GLY J 66 4.85 4.14 -30.86
N ARG J 67 5.06 2.87 -31.18
CA ARG J 67 4.48 2.26 -32.37
C ARG J 67 3.69 1.00 -32.09
N PHE J 68 4.00 0.28 -31.01
CA PHE J 68 3.34 -0.98 -30.69
C PHE J 68 2.39 -0.79 -29.52
N THR J 69 1.20 -1.39 -29.64
CA THR J 69 0.19 -1.36 -28.60
C THR J 69 -0.22 -2.77 -28.24
N ILE J 70 0.00 -3.16 -26.99
CA ILE J 70 -0.32 -4.50 -26.51
C ILE J 70 -1.52 -4.41 -25.57
N SER J 71 -2.56 -5.17 -25.87
CA SER J 71 -3.80 -5.09 -25.11
C SER J 71 -4.30 -6.50 -24.82
N ARG J 72 -5.17 -6.60 -23.82
CA ARG J 72 -5.72 -7.88 -23.39
C ARG J 72 -7.23 -7.85 -23.41
N ASP J 73 -7.81 -9.02 -23.72
CA ASP J 73 -9.25 -9.26 -23.60
C ASP J 73 -9.42 -10.50 -22.74
N ASN J 74 -9.58 -10.30 -21.43
CA ASN J 74 -9.67 -11.43 -20.51
C ASN J 74 -10.90 -12.29 -20.76
N SER J 75 -11.99 -11.69 -21.24
CA SER J 75 -13.22 -12.44 -21.45
C SER J 75 -13.03 -13.55 -22.49
N LYS J 76 -12.32 -13.25 -23.57
CA LYS J 76 -12.10 -14.22 -24.64
C LYS J 76 -10.76 -14.94 -24.52
N LYS J 77 -10.03 -14.73 -23.43
CA LYS J 77 -8.71 -15.35 -23.22
C LYS J 77 -7.77 -15.06 -24.38
N THR J 78 -7.79 -13.81 -24.85
CA THR J 78 -7.09 -13.43 -26.07
C THR J 78 -6.12 -12.30 -25.79
N LEU J 79 -4.93 -12.40 -26.37
CA LEU J 79 -3.91 -11.35 -26.30
C LEU J 79 -3.70 -10.74 -27.67
N PHE J 80 -3.53 -9.43 -27.71
CA PHE J 80 -3.34 -8.70 -28.96
C PHE J 80 -2.07 -7.87 -28.91
N LEU J 81 -1.58 -7.49 -30.08
CA LEU J 81 -0.50 -6.53 -30.22
C LEU J 81 -0.68 -5.84 -31.56
N ARG J 82 -0.93 -4.53 -31.52
CA ARG J 82 -1.22 -3.74 -32.71
C ARG J 82 0.02 -2.98 -33.14
N MET J 83 0.56 -3.31 -34.32
CA MET J 83 1.75 -2.65 -34.85
C MET J 83 1.32 -1.58 -35.85
N ASN J 84 1.73 -0.35 -35.61
CA ASN J 84 1.54 0.75 -36.54
C ASN J 84 2.90 1.23 -37.07
N SER J 85 2.88 1.77 -38.29
CA SER J 85 4.07 2.27 -38.96
C SER J 85 5.15 1.19 -39.02
N LEU J 86 4.78 0.05 -39.61
CA LEU J 86 5.71 -1.08 -39.71
C LEU J 86 6.91 -0.71 -40.56
N ARG J 87 8.08 -1.20 -40.17
CA ARG J 87 9.32 -0.93 -40.88
C ARG J 87 10.09 -2.23 -41.13
N ALA J 88 11.13 -2.12 -41.96
CA ALA J 88 11.79 -3.31 -42.51
C ALA J 88 12.44 -4.17 -41.43
N GLU J 89 13.12 -3.56 -40.46
CA GLU J 89 13.89 -4.34 -39.50
C GLU J 89 13.01 -5.13 -38.53
N ASP J 90 11.70 -4.90 -38.53
CA ASP J 90 10.79 -5.63 -37.66
C ASP J 90 10.41 -7.00 -38.23
N THR J 91 10.88 -7.34 -39.44
CA THR J 91 10.58 -8.64 -40.02
C THR J 91 11.21 -9.74 -39.18
N ALA J 92 10.38 -10.49 -38.46
CA ALA J 92 10.84 -11.56 -37.59
C ALA J 92 9.65 -12.41 -37.21
N VAL J 93 9.93 -13.57 -36.64
CA VAL J 93 8.90 -14.49 -36.17
C VAL J 93 8.54 -14.12 -34.74
N TYR J 94 7.35 -13.55 -34.56
CA TYR J 94 6.87 -13.14 -33.25
C TYR J 94 6.35 -14.35 -32.48
N TYR J 95 6.48 -14.30 -31.17
CA TYR J 95 6.07 -15.39 -30.30
C TYR J 95 5.17 -14.87 -29.18
N CYS J 96 4.16 -15.66 -28.84
CA CYS J 96 3.42 -15.42 -27.59
C CYS J 96 4.10 -16.16 -26.44
N ALA J 97 4.00 -15.60 -25.25
CA ALA J 97 4.68 -16.19 -24.11
C ALA J 97 3.92 -15.88 -22.83
N LYS J 98 4.02 -16.79 -21.86
CA LYS J 98 3.33 -16.68 -20.58
C LYS J 98 4.35 -16.40 -19.47
N VAL J 99 3.90 -15.67 -18.46
CA VAL J 99 4.76 -15.39 -17.30
C VAL J 99 4.77 -16.59 -16.38
N HIS J 100 5.94 -16.89 -15.83
CA HIS J 100 6.06 -17.93 -14.82
C HIS J 100 5.39 -17.48 -13.51
N ASP J 101 4.93 -18.46 -12.73
CA ASP J 101 4.22 -18.14 -11.50
C ASP J 101 5.14 -17.53 -10.45
N ASP J 102 6.30 -18.13 -10.22
CA ASP J 102 7.19 -17.70 -9.14
C ASP J 102 8.06 -16.52 -9.55
N GLU J 103 8.92 -16.72 -10.54
CA GLU J 103 9.84 -15.68 -10.95
C GLU J 103 9.45 -15.15 -12.33
N PRO J 104 9.46 -13.83 -12.54
CA PRO J 104 8.87 -13.26 -13.76
C PRO J 104 9.67 -13.57 -15.02
N THR J 105 9.84 -14.85 -15.31
CA THR J 105 10.45 -15.30 -16.55
C THR J 105 9.36 -15.66 -17.56
N GLN J 106 9.75 -16.22 -18.69
CA GLN J 106 8.82 -16.79 -19.66
C GLN J 106 9.05 -18.28 -19.69
N ASP J 107 7.99 -19.07 -19.48
CA ASP J 107 8.16 -20.51 -19.32
C ASP J 107 7.84 -21.27 -20.60
N TYR J 108 6.64 -21.08 -21.15
CA TYR J 108 6.19 -21.82 -22.32
C TYR J 108 5.86 -20.83 -23.42
N TRP J 109 6.38 -21.08 -24.62
CA TRP J 109 6.19 -20.22 -25.77
C TRP J 109 5.20 -20.86 -26.74
N GLY J 110 4.35 -20.03 -27.35
CA GLY J 110 3.51 -20.49 -28.43
C GLY J 110 4.31 -20.65 -29.71
N GLN J 111 3.72 -21.25 -30.73
CA GLN J 111 4.44 -21.49 -31.98
C GLN J 111 4.77 -20.21 -32.75
N GLY J 112 3.88 -19.23 -32.73
CA GLY J 112 4.18 -17.92 -33.30
C GLY J 112 3.96 -17.84 -34.80
N THR J 113 3.75 -16.61 -35.26
CA THR J 113 3.57 -16.32 -36.67
C THR J 113 4.83 -15.67 -37.21
N LEU J 114 4.93 -15.63 -38.54
CA LEU J 114 6.05 -15.02 -39.23
C LEU J 114 5.54 -13.80 -39.99
N VAL J 115 6.18 -12.65 -39.76
CA VAL J 115 5.74 -11.39 -40.32
C VAL J 115 6.89 -10.81 -41.14
N THR J 116 6.60 -10.42 -42.37
CA THR J 116 7.57 -9.80 -43.26
C THR J 116 7.09 -8.40 -43.62
N VAL J 117 7.99 -7.63 -44.24
CA VAL J 117 7.68 -6.27 -44.66
C VAL J 117 8.01 -6.08 -46.14
N ASP K 1 20.53 -0.45 -19.75
CA ASP K 1 19.98 -1.80 -19.66
C ASP K 1 21.09 -2.83 -19.56
N ILE K 2 20.73 -4.08 -19.22
CA ILE K 2 21.73 -5.12 -19.10
C ILE K 2 22.11 -5.64 -20.49
N GLN K 3 23.36 -6.10 -20.61
CA GLN K 3 23.87 -6.70 -21.84
C GLN K 3 24.41 -8.08 -21.50
N MET K 4 24.19 -9.04 -22.41
CA MET K 4 24.52 -10.42 -22.16
C MET K 4 25.48 -10.95 -23.21
N THR K 5 26.39 -11.82 -22.79
CA THR K 5 27.38 -12.43 -23.66
C THR K 5 27.44 -13.92 -23.40
N GLN K 6 27.62 -14.71 -24.45
CA GLN K 6 27.74 -16.15 -24.34
C GLN K 6 29.05 -16.63 -24.97
N SER K 7 29.54 -17.76 -24.47
CA SER K 7 30.75 -18.39 -25.00
C SER K 7 30.79 -19.84 -24.55
N PRO K 8 31.14 -20.77 -25.44
CA PRO K 8 31.47 -20.59 -26.85
C PRO K 8 30.22 -20.42 -27.72
N SER K 9 30.33 -19.75 -28.87
CA SER K 9 29.14 -19.55 -29.71
C SER K 9 28.84 -20.77 -30.56
N THR K 10 29.75 -21.75 -30.60
CA THR K 10 29.55 -23.00 -31.31
C THR K 10 30.38 -24.08 -30.64
N LEU K 11 29.73 -25.18 -30.27
CA LEU K 11 30.38 -26.26 -29.54
C LEU K 11 30.07 -27.59 -30.21
N SER K 12 31.06 -28.47 -30.24
CA SER K 12 30.94 -29.79 -30.84
C SER K 12 31.16 -30.86 -29.77
N ALA K 13 30.25 -31.82 -29.69
CA ALA K 13 30.34 -32.90 -28.74
C ALA K 13 29.55 -34.10 -29.24
N SER K 14 29.90 -35.27 -28.71
CA SER K 14 29.24 -36.51 -29.08
C SER K 14 28.22 -36.92 -28.03
N VAL K 15 27.61 -38.08 -28.25
CA VAL K 15 26.64 -38.63 -27.30
C VAL K 15 27.39 -39.12 -26.06
N GLY K 16 26.73 -39.04 -24.91
CA GLY K 16 27.32 -39.46 -23.66
C GLY K 16 28.40 -38.54 -23.12
N ASP K 17 28.61 -37.38 -23.72
CA ASP K 17 29.67 -36.48 -23.31
C ASP K 17 29.15 -35.51 -22.25
N ARG K 18 30.00 -34.54 -21.89
CA ARG K 18 29.70 -33.59 -20.83
C ARG K 18 30.22 -32.22 -21.25
N VAL K 19 29.34 -31.22 -21.28
CA VAL K 19 29.63 -29.92 -21.86
C VAL K 19 29.25 -28.81 -20.89
N THR K 20 29.76 -27.60 -21.16
CA THR K 20 29.43 -26.40 -20.42
C THR K 20 29.10 -25.28 -21.38
N ILE K 21 28.28 -24.35 -20.93
CA ILE K 21 28.00 -23.11 -21.64
C ILE K 21 28.14 -21.96 -20.65
N THR K 22 29.04 -21.03 -20.95
CA THR K 22 29.35 -19.92 -20.07
C THR K 22 28.55 -18.69 -20.48
N CYS K 23 27.86 -18.09 -19.51
CA CYS K 23 27.07 -16.88 -19.73
C CYS K 23 27.65 -15.77 -18.87
N ARG K 24 28.20 -14.74 -19.51
CA ARG K 24 28.79 -13.60 -18.83
C ARG K 24 27.96 -12.36 -19.08
N ALA K 25 27.80 -11.53 -18.06
CA ALA K 25 26.98 -10.35 -18.12
C ALA K 25 27.67 -9.17 -17.46
N SER K 26 27.15 -7.98 -17.73
CA SER K 26 27.53 -6.79 -16.99
C SER K 26 26.44 -6.47 -15.95
N GLN K 27 26.77 -5.58 -15.02
CA GLN K 27 25.85 -5.18 -13.96
C GLN K 27 25.39 -6.39 -13.15
N GLY K 28 26.35 -6.94 -12.40
CA GLY K 28 26.25 -8.21 -11.69
C GLY K 28 24.90 -8.54 -11.09
N ILE K 29 24.47 -9.79 -11.29
CA ILE K 29 23.11 -10.22 -10.98
C ILE K 29 23.08 -11.24 -9.86
N SER K 30 23.69 -12.41 -10.09
CA SER K 30 23.89 -13.50 -9.12
C SER K 30 22.61 -14.26 -8.79
N THR K 31 21.45 -13.75 -9.18
CA THR K 31 20.21 -14.46 -8.90
C THR K 31 19.42 -14.76 -10.17
N SER K 32 19.13 -13.71 -10.93
CA SER K 32 18.06 -13.71 -11.93
C SER K 32 18.62 -13.94 -13.33
N LEU K 33 19.06 -15.18 -13.56
CA LEU K 33 19.54 -15.58 -14.90
C LEU K 33 18.93 -16.92 -15.28
N ALA K 34 18.42 -17.00 -16.51
CA ALA K 34 17.77 -18.21 -17.02
C ALA K 34 18.67 -19.07 -17.90
N TRP K 35 18.06 -20.09 -18.50
CA TRP K 35 18.63 -20.85 -19.59
C TRP K 35 17.46 -21.29 -20.46
N TYR K 36 17.75 -21.77 -21.65
CA TYR K 36 16.67 -22.09 -22.59
C TYR K 36 17.12 -23.18 -23.56
N GLN K 37 16.19 -23.59 -24.41
CA GLN K 37 16.43 -24.56 -25.46
C GLN K 37 15.46 -24.29 -26.59
N GLN K 38 15.98 -24.19 -27.81
CA GLN K 38 15.15 -23.98 -28.99
C GLN K 38 15.58 -24.99 -30.05
N LYS K 39 14.72 -25.95 -30.33
CA LYS K 39 14.96 -26.86 -31.44
C LYS K 39 14.77 -26.12 -32.76
N PRO K 40 15.42 -26.58 -33.83
CA PRO K 40 15.28 -25.89 -35.12
C PRO K 40 13.83 -25.82 -35.57
N GLY K 41 13.30 -24.61 -35.64
CA GLY K 41 11.93 -24.38 -36.03
C GLY K 41 10.90 -24.51 -34.92
N LYS K 42 11.31 -24.92 -33.73
CA LYS K 42 10.40 -25.09 -32.60
C LYS K 42 10.47 -23.90 -31.68
N ALA K 43 9.36 -23.64 -30.99
CA ALA K 43 9.32 -22.58 -29.99
C ALA K 43 10.21 -22.94 -28.81
N PRO K 44 10.95 -21.97 -28.27
CA PRO K 44 11.79 -22.25 -27.11
C PRO K 44 10.96 -22.57 -25.88
N LYS K 45 11.54 -23.38 -25.00
CA LYS K 45 10.89 -23.77 -23.75
C LYS K 45 11.87 -23.60 -22.61
N LEU K 46 11.35 -23.26 -21.44
CA LEU K 46 12.19 -23.00 -20.28
C LEU K 46 12.97 -24.26 -19.90
N LEU K 47 14.23 -24.05 -19.53
CA LEU K 47 15.10 -25.14 -19.09
C LEU K 47 15.58 -25.01 -17.66
N ILE K 48 16.05 -23.85 -17.22
CA ILE K 48 16.44 -23.61 -15.84
C ILE K 48 16.06 -22.18 -15.48
N TYR K 49 15.47 -21.99 -14.31
CA TYR K 49 15.15 -20.66 -13.82
C TYR K 49 15.80 -20.43 -12.45
N LYS K 50 16.07 -19.16 -12.17
CA LYS K 50 16.87 -18.75 -11.02
C LYS K 50 18.26 -19.38 -11.06
N ALA K 51 18.67 -19.86 -12.24
CA ALA K 51 20.01 -20.33 -12.52
C ALA K 51 20.43 -21.53 -11.68
N SER K 52 19.53 -22.04 -10.83
CA SER K 52 19.87 -23.20 -10.01
C SER K 52 18.75 -24.22 -9.96
N SER K 53 17.55 -23.82 -10.37
CA SER K 53 16.38 -24.68 -10.21
C SER K 53 15.84 -25.12 -11.57
N LEU K 54 15.58 -26.42 -11.69
CA LEU K 54 15.03 -26.99 -12.91
C LEU K 54 13.53 -26.70 -13.01
N GLU K 55 13.04 -26.68 -14.25
CA GLU K 55 11.62 -26.59 -14.50
C GLU K 55 11.03 -27.99 -14.54
N SER K 56 9.74 -28.10 -14.23
CA SER K 56 9.07 -29.39 -14.20
C SER K 56 9.17 -30.08 -15.55
N GLY K 57 9.52 -31.37 -15.51
CA GLY K 57 9.68 -32.17 -16.71
C GLY K 57 11.07 -32.17 -17.31
N VAL K 58 11.97 -31.35 -16.78
CA VAL K 58 13.35 -31.27 -17.28
C VAL K 58 14.17 -32.37 -16.61
N PRO K 59 14.94 -33.14 -17.38
CA PRO K 59 15.74 -34.22 -16.78
C PRO K 59 16.83 -33.67 -15.88
N SER K 60 17.25 -34.52 -14.94
CA SER K 60 18.24 -34.12 -13.93
C SER K 60 19.63 -33.92 -14.52
N ARG K 61 19.86 -34.32 -15.77
CA ARG K 61 21.18 -34.15 -16.38
C ARG K 61 21.59 -32.68 -16.47
N PHE K 62 20.63 -31.77 -16.62
CA PHE K 62 20.92 -30.36 -16.78
C PHE K 62 21.17 -29.73 -15.42
N SER K 63 22.29 -29.01 -15.30
CA SER K 63 22.64 -28.37 -14.04
C SER K 63 23.15 -26.96 -14.32
N GLY K 64 22.69 -26.01 -13.51
CA GLY K 64 23.12 -24.64 -13.63
C GLY K 64 23.56 -24.08 -12.29
N SER K 65 24.55 -23.19 -12.35
CA SER K 65 25.08 -22.55 -11.17
C SER K 65 25.82 -21.28 -11.59
N GLY K 66 26.07 -20.42 -10.62
CA GLY K 66 26.84 -19.21 -10.86
C GLY K 66 26.32 -18.05 -10.05
N SER K 67 27.11 -16.99 -10.04
CA SER K 67 26.78 -15.77 -9.31
C SER K 67 27.64 -14.64 -9.85
N GLY K 68 27.33 -13.43 -9.41
CA GLY K 68 28.06 -12.27 -9.89
C GLY K 68 27.76 -12.04 -11.36
N THR K 69 28.82 -12.02 -12.17
CA THR K 69 28.71 -11.87 -13.61
C THR K 69 29.04 -13.15 -14.35
N GLU K 70 29.29 -14.26 -13.63
CA GLU K 70 29.75 -15.51 -14.22
C GLU K 70 28.72 -16.57 -13.92
N PHE K 71 28.18 -17.21 -14.97
CA PHE K 71 27.23 -18.30 -14.84
C PHE K 71 27.56 -19.38 -15.85
N THR K 72 27.21 -20.62 -15.51
CA THR K 72 27.44 -21.76 -16.38
C THR K 72 26.20 -22.64 -16.43
N LEU K 73 26.07 -23.37 -17.53
CA LEU K 73 25.07 -24.42 -17.69
C LEU K 73 25.80 -25.70 -18.08
N THR K 74 25.65 -26.74 -17.26
CA THR K 74 26.41 -27.97 -17.42
C THR K 74 25.46 -29.12 -17.76
N ILE K 75 25.76 -29.83 -18.85
CA ILE K 75 24.99 -30.99 -19.28
C ILE K 75 25.92 -32.19 -19.16
N THR K 76 25.50 -33.18 -18.37
CA THR K 76 26.24 -34.43 -18.23
C THR K 76 25.50 -35.54 -18.97
N SER K 77 26.29 -36.42 -19.59
CA SER K 77 25.74 -37.52 -20.39
C SER K 77 24.83 -36.97 -21.49
N LEU K 78 25.45 -36.27 -22.44
CA LEU K 78 24.70 -35.69 -23.56
C LEU K 78 23.98 -36.76 -24.36
N GLN K 79 22.69 -36.55 -24.61
CA GLN K 79 21.81 -37.41 -25.38
C GLN K 79 21.41 -36.74 -26.70
N PRO K 80 21.03 -37.53 -27.70
CA PRO K 80 20.74 -36.96 -29.03
C PRO K 80 19.63 -35.92 -29.05
N GLU K 81 18.61 -36.05 -28.20
CA GLU K 81 17.51 -35.10 -28.24
C GLU K 81 17.81 -33.81 -27.47
N ASP K 82 19.03 -33.64 -26.96
CA ASP K 82 19.46 -32.41 -26.33
C ASP K 82 20.24 -31.49 -27.27
N PHE K 83 20.44 -31.90 -28.53
CA PHE K 83 21.22 -31.10 -29.46
C PHE K 83 20.34 -29.98 -29.99
N ALA K 84 20.49 -28.79 -29.39
CA ALA K 84 19.75 -27.62 -29.80
C ALA K 84 20.55 -26.38 -29.42
N THR K 85 19.94 -25.20 -29.65
CA THR K 85 20.60 -23.92 -29.41
C THR K 85 20.14 -23.38 -28.06
N TYR K 86 21.00 -23.49 -27.06
CA TYR K 86 20.71 -23.03 -25.70
C TYR K 86 20.95 -21.53 -25.61
N TYR K 87 19.98 -20.79 -25.08
CA TYR K 87 20.13 -19.34 -24.93
C TYR K 87 20.31 -18.97 -23.47
N CYS K 88 20.34 -17.66 -23.21
CA CYS K 88 20.56 -17.11 -21.88
C CYS K 88 19.67 -15.88 -21.69
N GLN K 89 19.37 -15.54 -20.44
CA GLN K 89 18.48 -14.43 -20.15
C GLN K 89 18.75 -13.90 -18.74
N GLN K 90 18.26 -12.68 -18.48
CA GLN K 90 18.35 -12.02 -17.18
C GLN K 90 17.06 -11.28 -16.90
N TYR K 91 16.80 -10.95 -15.63
CA TYR K 91 15.58 -10.24 -15.28
C TYR K 91 15.79 -9.01 -14.41
N LYS K 92 17.00 -8.72 -13.95
CA LYS K 92 17.17 -7.57 -13.06
C LYS K 92 16.75 -6.27 -13.74
N ARG K 93 16.85 -6.21 -15.06
CA ARG K 93 16.27 -5.12 -15.84
C ARG K 93 15.47 -5.74 -16.98
N TYR K 94 15.11 -4.89 -17.95
CA TYR K 94 14.42 -5.35 -19.16
C TYR K 94 15.08 -6.59 -19.72
N TRP K 95 14.29 -7.58 -20.11
CA TRP K 95 14.84 -8.87 -20.53
C TRP K 95 15.54 -8.74 -21.87
N THR K 96 16.82 -9.13 -21.91
CA THR K 96 17.62 -9.13 -23.13
C THR K 96 18.30 -10.47 -23.25
N PHE K 97 18.01 -11.20 -24.32
CA PHE K 97 18.51 -12.55 -24.52
C PHE K 97 19.92 -12.51 -25.07
N GLY K 98 20.64 -13.62 -24.89
CA GLY K 98 21.97 -13.78 -25.41
C GLY K 98 21.97 -14.00 -26.90
N GLN K 99 23.18 -14.23 -27.43
CA GLN K 99 23.36 -14.47 -28.86
C GLN K 99 23.03 -15.89 -29.28
N GLY K 100 23.27 -16.87 -28.41
CA GLY K 100 22.93 -18.25 -28.72
C GLY K 100 24.12 -19.15 -28.97
N THR K 101 24.18 -20.27 -28.25
CA THR K 101 25.22 -21.27 -28.42
C THR K 101 24.62 -22.56 -28.94
N LYS K 102 25.29 -23.18 -29.90
CA LYS K 102 24.79 -24.37 -30.57
C LYS K 102 25.68 -25.56 -30.25
N VAL K 103 25.07 -26.72 -30.04
CA VAL K 103 25.78 -27.97 -29.82
C VAL K 103 25.60 -28.82 -31.06
N GLU K 104 26.71 -29.19 -31.70
CA GLU K 104 26.69 -29.87 -32.99
C GLU K 104 27.43 -31.19 -32.83
N ILE K 105 26.86 -32.25 -33.39
CA ILE K 105 27.26 -33.62 -33.05
C ILE K 105 28.67 -33.90 -33.57
N LYS K 106 29.57 -34.20 -32.66
CA LYS K 106 30.96 -34.49 -33.01
C LYS K 106 31.08 -35.77 -33.85
#